data_4JR5
#
_entry.id   4JR5
#
_cell.length_a   60.631
_cell.length_b   106.739
_cell.length_c   83.174
_cell.angle_alpha   90.00
_cell.angle_beta   96.65
_cell.angle_gamma   90.00
#
_symmetry.space_group_name_H-M   'P 1 21 1'
#
loop_
_entity.id
_entity.type
_entity.pdbx_description
1 polymer 'Nicotinamide phosphoribosyltransferase'
2 non-polymer 1-[4-(piperidin-1-ylsulfonyl)phenyl]-3-(pyridin-3-ylmethyl)thiourea
3 non-polymer 'PHOSPHATE ION'
4 non-polymer 1,2-ETHANEDIOL
5 water water
#
_entity_poly.entity_id   1
_entity_poly.type   'polypeptide(L)'
_entity_poly.pdbx_seq_one_letter_code
;MNPAAEAEFNILLATDSYKVTHYKQYPPNTSKVYSYFECREKKTENSKLRKVKYEETVFYGLQYILNKYLKGKVVTKEKI
QEAKDVYKEHFQDDVFNEKGWNYILEKYDGHLPIEIKAVPEGFVIPRGNVLFTVENTDPECYWLTNWIETILVQSWYPIT
VATNSREQKKILAKYLLETSGNLDGLEYKLHDFGYRGVSSQETAGIGASAHLVNFKGTDTVAGLALIKKYYGTKDPVPGY
SVPAAEHSTITAWGKDHEKDAFEHIVTQFSSVPVSVVSDSYDIYNACEKIWGEDLRHLIVSRSTQAPLIIRPDSGNPLDT
VLKVLEILGKKFPVTENSKGYKLLPPYLRVIQGDGVDINTLQEIVEGMKQKMWSIENIAFGSGGGLLQKLTRDLLNCSFK
CSYVVTNGLGINVFKDPVADPNKRSKKGRLSLHRTPAGNFVTLEEGKGDLEEYGQDLLHTVFKNGKVTKSYSFDEIRKNA
QLNIELEAAHHLEHHHHHHHH
;
_entity_poly.pdbx_strand_id   A,B
#
loop_
_chem_comp.id
_chem_comp.type
_chem_comp.name
_chem_comp.formula
1LS non-polymer 1-[4-(piperidin-1-ylsulfonyl)phenyl]-3-(pyridin-3-ylmethyl)thiourea 'C18 H22 N4 O2 S2'
EDO non-polymer 1,2-ETHANEDIOL 'C2 H6 O2'
PO4 non-polymer 'PHOSPHATE ION' 'O4 P -3'
#
# COMPACT_ATOMS: atom_id res chain seq x y z
N GLU A 8 6.46 -16.20 13.27
CA GLU A 8 5.61 -16.99 12.41
C GLU A 8 4.20 -16.39 12.36
N PHE A 9 3.54 -16.47 11.21
CA PHE A 9 2.19 -15.94 11.04
C PHE A 9 1.14 -16.68 11.87
N ASN A 10 0.29 -15.92 12.55
CA ASN A 10 -0.77 -16.47 13.41
C ASN A 10 -2.15 -15.94 13.01
N ILE A 11 -2.97 -16.78 12.41
CA ILE A 11 -4.29 -16.38 11.91
C ILE A 11 -5.16 -15.80 13.03
N LEU A 12 -4.90 -16.20 14.28
CA LEU A 12 -5.65 -15.67 15.41
C LEU A 12 -5.30 -14.22 15.69
N LEU A 13 -4.17 -13.76 15.14
CA LEU A 13 -3.75 -12.37 15.31
C LEU A 13 -3.85 -11.59 14.00
N ALA A 14 -4.55 -12.17 13.02
CA ALA A 14 -4.64 -11.55 11.70
C ALA A 14 -6.06 -11.09 11.38
N THR A 15 -6.70 -10.49 12.36
CA THR A 15 -8.04 -9.94 12.17
C THR A 15 -8.11 -8.57 12.85
N ASP A 16 -9.15 -7.80 12.52
CA ASP A 16 -9.41 -6.55 13.22
C ASP A 16 -9.71 -6.91 14.66
N SER A 17 -9.10 -6.19 15.58
CA SER A 17 -9.28 -6.44 17.02
C SER A 17 -10.73 -6.68 17.42
N TYR A 18 -11.65 -5.85 16.95
CA TYR A 18 -13.04 -5.98 17.41
C TYR A 18 -13.70 -7.32 17.08
N LYS A 19 -13.21 -7.97 16.04
CA LYS A 19 -13.75 -9.26 15.63
C LYS A 19 -13.53 -10.33 16.71
N VAL A 20 -12.53 -10.09 17.56
CA VAL A 20 -12.29 -10.96 18.71
C VAL A 20 -13.52 -10.98 19.63
N THR A 21 -14.31 -9.92 19.60
CA THR A 21 -15.46 -9.80 20.49
C THR A 21 -16.80 -10.21 19.88
N HIS A 22 -16.80 -10.53 18.58
CA HIS A 22 -18.06 -10.73 17.87
C HIS A 22 -18.81 -12.01 18.22
N TYR A 23 -18.10 -13.02 18.72
CA TYR A 23 -18.74 -14.26 19.12
C TYR A 23 -19.72 -14.06 20.27
N LYS A 24 -19.62 -12.93 20.96
CA LYS A 24 -20.56 -12.62 22.05
C LYS A 24 -21.75 -11.81 21.55
N GLN A 25 -21.73 -11.46 20.27
CA GLN A 25 -22.67 -10.46 19.76
C GLN A 25 -23.74 -10.99 18.80
N TYR A 26 -23.43 -12.07 18.09
CA TYR A 26 -24.39 -12.68 17.17
C TYR A 26 -25.61 -13.17 17.96
N PRO A 27 -26.74 -13.37 17.28
CA PRO A 27 -27.92 -13.91 17.97
C PRO A 27 -27.61 -15.30 18.52
N PRO A 28 -28.08 -15.59 19.73
CA PRO A 28 -27.96 -16.95 20.25
C PRO A 28 -28.62 -17.97 19.32
N ASN A 29 -28.09 -19.19 19.31
CA ASN A 29 -28.60 -20.29 18.47
C ASN A 29 -28.40 -20.04 16.99
N THR A 30 -27.35 -19.31 16.64
CA THR A 30 -26.97 -19.13 15.25
C THR A 30 -25.99 -20.23 14.86
N SER A 31 -26.32 -20.97 13.81
CA SER A 31 -25.50 -22.10 13.38
C SER A 31 -24.78 -21.82 12.06
N LYS A 32 -25.17 -20.77 11.37
CA LYS A 32 -24.55 -20.43 10.08
C LYS A 32 -24.45 -18.93 9.85
N VAL A 33 -23.27 -18.48 9.45
CA VAL A 33 -23.06 -17.12 8.99
C VAL A 33 -22.47 -17.23 7.58
N TYR A 34 -23.15 -16.60 6.62
CA TYR A 34 -22.82 -16.71 5.20
C TYR A 34 -22.61 -15.29 4.71
N SER A 35 -21.44 -15.04 4.12
CA SER A 35 -21.03 -13.70 3.73
C SER A 35 -20.48 -13.70 2.30
N TYR A 36 -20.46 -12.53 1.66
CA TYR A 36 -20.06 -12.45 0.26
C TYR A 36 -19.20 -11.21 0.03
N PHE A 37 -18.43 -11.22 -1.05
CA PHE A 37 -17.57 -10.12 -1.42
C PHE A 37 -18.03 -9.58 -2.78
N GLU A 38 -18.10 -8.27 -2.93
CA GLU A 38 -18.41 -7.67 -4.23
C GLU A 38 -17.59 -6.40 -4.40
N CYS A 39 -17.45 -5.96 -5.64
CA CYS A 39 -16.99 -4.60 -5.93
C CYS A 39 -18.24 -3.76 -6.14
N ARG A 40 -18.73 -3.21 -5.04
CA ARG A 40 -20.06 -2.64 -4.96
C ARG A 40 -20.25 -1.55 -6.00
N GLU A 41 -21.43 -1.55 -6.62
CA GLU A 41 -21.74 -0.56 -7.62
C GLU A 41 -21.92 0.81 -6.95
N LYS A 42 -21.65 1.88 -7.69
CA LYS A 42 -21.71 3.22 -7.15
C LYS A 42 -22.46 4.18 -8.07
N LYS A 43 -23.64 4.61 -7.62
CA LYS A 43 -24.57 5.52 -8.32
C LYS A 43 -24.03 6.22 -9.57
N LYS A 53 -14.31 5.47 -14.09
CA LYS A 53 -15.57 4.73 -14.01
C LYS A 53 -15.39 3.29 -13.52
N TYR A 54 -14.50 2.54 -14.17
CA TYR A 54 -14.20 1.17 -13.78
C TYR A 54 -15.46 0.30 -13.68
N GLU A 55 -16.08 0.01 -14.81
CA GLU A 55 -17.36 -0.69 -14.81
C GLU A 55 -17.23 -2.21 -14.68
N GLU A 56 -16.04 -2.73 -14.91
CA GLU A 56 -15.79 -4.15 -14.74
C GLU A 56 -14.48 -4.37 -14.02
N THR A 57 -14.36 -5.46 -13.28
CA THR A 57 -13.15 -5.71 -12.49
C THR A 57 -12.57 -7.08 -12.79
N VAL A 58 -11.24 -7.18 -12.73
CA VAL A 58 -10.56 -8.44 -12.89
C VAL A 58 -10.44 -9.13 -11.53
N PHE A 59 -11.00 -10.32 -11.42
CA PHE A 59 -10.92 -11.04 -10.15
C PHE A 59 -9.59 -11.79 -10.07
N TYR A 60 -8.71 -11.32 -9.20
CA TYR A 60 -7.39 -11.91 -9.10
C TYR A 60 -6.84 -11.72 -7.69
N GLY A 61 -6.23 -12.77 -7.14
CA GLY A 61 -5.47 -12.64 -5.90
C GLY A 61 -5.88 -13.53 -4.74
N LEU A 62 -7.13 -14.02 -4.77
CA LEU A 62 -7.62 -14.86 -3.68
C LEU A 62 -6.75 -16.10 -3.47
N GLN A 63 -6.33 -16.71 -4.57
CA GLN A 63 -5.56 -17.97 -4.53
C GLN A 63 -4.26 -17.82 -3.72
N TYR A 64 -3.63 -16.66 -3.84
CA TYR A 64 -2.46 -16.33 -3.05
C TYR A 64 -2.80 -16.38 -1.56
N ILE A 65 -3.90 -15.73 -1.21
CA ILE A 65 -4.31 -15.63 0.19
C ILE A 65 -4.69 -17.00 0.75
N LEU A 66 -5.43 -17.80 -0.03
CA LEU A 66 -5.83 -19.12 0.43
C LEU A 66 -4.63 -20.01 0.76
N ASN A 67 -3.64 -20.00 -0.12
CA ASN A 67 -2.47 -20.84 0.07
C ASN A 67 -1.51 -20.33 1.13
N LYS A 68 -1.25 -19.04 1.12
CA LYS A 68 -0.27 -18.48 2.05
C LYS A 68 -0.77 -18.46 3.50
N TYR A 69 -2.05 -18.20 3.68
CA TYR A 69 -2.53 -17.87 5.02
C TYR A 69 -3.65 -18.76 5.58
N LEU A 70 -4.49 -19.33 4.72
CA LEU A 70 -5.69 -20.01 5.22
C LEU A 70 -5.64 -21.54 5.24
N LYS A 71 -4.87 -22.16 4.36
CA LYS A 71 -4.92 -23.60 4.21
C LYS A 71 -4.09 -24.36 5.23
N GLY A 72 -4.45 -25.62 5.45
CA GLY A 72 -3.68 -26.50 6.31
C GLY A 72 -3.91 -26.25 7.78
N LYS A 73 -2.98 -26.71 8.61
CA LYS A 73 -3.09 -26.55 10.04
C LYS A 73 -2.65 -25.15 10.46
N VAL A 74 -3.62 -24.26 10.66
CA VAL A 74 -3.30 -22.87 10.97
C VAL A 74 -3.58 -22.54 12.43
N VAL A 75 -4.06 -23.52 13.18
CA VAL A 75 -4.26 -23.35 14.61
C VAL A 75 -3.39 -24.35 15.36
N THR A 76 -2.65 -23.87 16.36
CA THR A 76 -1.90 -24.73 17.26
C THR A 76 -2.15 -24.29 18.70
N LYS A 77 -1.77 -25.13 19.66
CA LYS A 77 -1.86 -24.78 21.07
C LYS A 77 -1.11 -23.49 21.33
N GLU A 78 0.09 -23.41 20.77
CA GLU A 78 0.95 -22.28 21.00
C GLU A 78 0.35 -21.01 20.41
N LYS A 79 -0.27 -21.10 19.23
CA LYS A 79 -0.90 -19.93 18.63
C LYS A 79 -2.11 -19.46 19.43
N ILE A 80 -2.83 -20.40 20.02
CA ILE A 80 -3.99 -20.04 20.84
C ILE A 80 -3.53 -19.31 22.09
N GLN A 81 -2.48 -19.82 22.72
CA GLN A 81 -1.97 -19.21 23.94
C GLN A 81 -1.39 -17.83 23.65
N GLU A 82 -0.63 -17.71 22.55
CA GLU A 82 -0.04 -16.44 22.13
C GLU A 82 -1.14 -15.39 21.95
N ALA A 83 -2.22 -15.79 21.28
CA ALA A 83 -3.33 -14.88 21.03
C ALA A 83 -4.00 -14.51 22.35
N LYS A 84 -4.24 -15.50 23.19
CA LYS A 84 -4.81 -15.25 24.50
C LYS A 84 -4.01 -14.19 25.26
N ASP A 85 -2.68 -14.34 25.25
CA ASP A 85 -1.79 -13.43 25.96
C ASP A 85 -1.83 -12.00 25.43
N VAL A 86 -1.83 -11.86 24.10
CA VAL A 86 -1.84 -10.54 23.46
C VAL A 86 -3.16 -9.83 23.72
N TYR A 87 -4.26 -10.51 23.51
CA TYR A 87 -5.57 -9.88 23.66
C TYR A 87 -5.88 -9.45 25.10
N LYS A 88 -5.36 -10.20 26.08
CA LYS A 88 -5.53 -9.84 27.48
C LYS A 88 -4.99 -8.43 27.74
N GLU A 89 -3.81 -8.12 27.23
CA GLU A 89 -3.22 -6.80 27.37
C GLU A 89 -3.84 -5.78 26.42
N HIS A 90 -4.14 -6.21 25.20
CA HIS A 90 -4.63 -5.29 24.16
C HIS A 90 -6.02 -4.76 24.52
N PHE A 91 -6.86 -5.62 25.08
CA PHE A 91 -8.20 -5.23 25.52
C PHE A 91 -8.27 -4.84 27.00
N GLN A 92 -7.21 -5.12 27.74
CA GLN A 92 -7.23 -4.97 29.19
C GLN A 92 -8.43 -5.74 29.74
N ASP A 93 -8.67 -6.93 29.20
CA ASP A 93 -9.86 -7.71 29.52
C ASP A 93 -9.74 -9.09 28.88
N ASP A 94 -10.47 -10.07 29.40
CA ASP A 94 -10.32 -11.46 28.97
C ASP A 94 -11.16 -11.91 27.77
N VAL A 95 -11.83 -10.97 27.09
CA VAL A 95 -12.63 -11.35 25.92
C VAL A 95 -11.77 -12.07 24.89
N PHE A 96 -12.13 -13.30 24.56
CA PHE A 96 -11.37 -14.13 23.61
C PHE A 96 -11.97 -15.52 23.57
N ASN A 97 -12.38 -15.93 22.38
CA ASN A 97 -13.04 -17.22 22.23
C ASN A 97 -12.06 -18.38 22.19
N GLU A 98 -11.42 -18.63 23.33
CA GLU A 98 -10.44 -19.72 23.45
C GLU A 98 -11.10 -21.08 23.17
N LYS A 99 -12.29 -21.29 23.71
CA LYS A 99 -13.01 -22.55 23.47
C LYS A 99 -13.28 -22.75 21.99
N GLY A 100 -13.70 -21.67 21.32
CA GLY A 100 -13.98 -21.74 19.91
C GLY A 100 -12.78 -22.20 19.09
N TRP A 101 -11.62 -21.61 19.36
CA TRP A 101 -10.40 -22.00 18.65
C TRP A 101 -9.91 -23.38 19.03
N ASN A 102 -9.99 -23.72 20.32
CA ASN A 102 -9.69 -25.07 20.77
C ASN A 102 -10.47 -26.14 20.03
N TYR A 103 -11.75 -25.86 19.80
CA TYR A 103 -12.64 -26.77 19.08
C TYR A 103 -12.10 -27.09 17.69
N ILE A 104 -11.71 -26.06 16.97
CA ILE A 104 -11.14 -26.22 15.65
C ILE A 104 -9.87 -27.07 15.70
N LEU A 105 -9.02 -26.80 16.69
CA LEU A 105 -7.81 -27.57 16.88
C LEU A 105 -8.13 -29.04 17.15
N GLU A 106 -9.03 -29.30 18.08
CA GLU A 106 -9.34 -30.69 18.47
C GLU A 106 -10.11 -31.48 17.42
N LYS A 107 -11.11 -30.85 16.82
CA LYS A 107 -12.02 -31.55 15.91
C LYS A 107 -11.45 -31.68 14.50
N TYR A 108 -10.69 -30.68 14.08
CA TYR A 108 -10.27 -30.58 12.67
C TYR A 108 -8.76 -30.44 12.50
N ASP A 109 -7.99 -30.82 13.51
CA ASP A 109 -6.53 -30.73 13.48
C ASP A 109 -6.06 -29.34 13.05
N GLY A 110 -6.79 -28.32 13.50
CA GLY A 110 -6.41 -26.94 13.24
C GLY A 110 -6.71 -26.44 11.84
N HIS A 111 -7.50 -27.19 11.07
CA HIS A 111 -7.94 -26.76 9.72
C HIS A 111 -9.24 -25.95 9.83
N LEU A 112 -9.38 -24.90 9.03
CA LEU A 112 -10.54 -24.02 9.16
C LEU A 112 -11.81 -24.62 8.57
N PRO A 113 -12.86 -24.78 9.40
CA PRO A 113 -14.11 -25.34 8.87
C PRO A 113 -14.93 -24.29 8.11
N ILE A 114 -14.43 -23.98 6.92
CA ILE A 114 -14.94 -22.90 6.10
C ILE A 114 -15.03 -23.39 4.65
N GLU A 115 -16.10 -23.02 3.95
CA GLU A 115 -16.15 -23.23 2.51
C GLU A 115 -16.19 -21.89 1.79
N ILE A 116 -15.33 -21.73 0.79
CA ILE A 116 -15.28 -20.50 0.00
C ILE A 116 -15.50 -20.86 -1.46
N LYS A 117 -16.44 -20.16 -2.10
CA LYS A 117 -16.74 -20.35 -3.51
C LYS A 117 -16.43 -19.05 -4.21
N ALA A 118 -15.82 -19.13 -5.39
CA ALA A 118 -15.33 -17.94 -6.07
C ALA A 118 -15.45 -18.06 -7.59
N VAL A 119 -15.61 -16.92 -8.26
CA VAL A 119 -15.54 -16.84 -9.71
C VAL A 119 -14.08 -17.19 -10.11
N PRO A 120 -13.87 -17.79 -11.30
CA PRO A 120 -12.49 -18.14 -11.66
C PRO A 120 -11.55 -16.93 -11.76
N GLU A 121 -10.32 -17.09 -11.32
CA GLU A 121 -9.38 -15.97 -11.34
C GLU A 121 -9.13 -15.53 -12.78
N GLY A 122 -9.05 -14.22 -12.97
CA GLY A 122 -8.92 -13.65 -14.30
C GLY A 122 -10.26 -13.21 -14.89
N PHE A 123 -11.36 -13.78 -14.38
CA PHE A 123 -12.69 -13.40 -14.89
C PHE A 123 -12.90 -11.90 -14.76
N VAL A 124 -13.53 -11.34 -15.78
CA VAL A 124 -13.81 -9.92 -15.84
C VAL A 124 -15.30 -9.70 -15.63
N ILE A 125 -15.65 -9.11 -14.49
CA ILE A 125 -17.03 -9.09 -14.03
C ILE A 125 -17.50 -7.67 -13.78
N PRO A 126 -18.70 -7.33 -14.25
CA PRO A 126 -19.21 -5.99 -13.99
C PRO A 126 -19.39 -5.74 -12.48
N ARG A 127 -19.30 -4.47 -12.09
CA ARG A 127 -19.49 -4.04 -10.71
C ARG A 127 -20.82 -4.53 -10.16
N GLY A 128 -20.87 -4.80 -8.86
CA GLY A 128 -22.12 -5.12 -8.21
C GLY A 128 -22.52 -6.59 -8.31
N ASN A 129 -21.54 -7.44 -8.57
CA ASN A 129 -21.80 -8.87 -8.64
C ASN A 129 -21.05 -9.62 -7.56
N VAL A 130 -21.63 -10.71 -7.04
CA VAL A 130 -20.89 -11.53 -6.10
C VAL A 130 -19.62 -12.10 -6.75
N LEU A 131 -18.48 -11.97 -6.07
CA LEU A 131 -17.23 -12.50 -6.59
C LEU A 131 -16.78 -13.73 -5.79
N PHE A 132 -17.00 -13.72 -4.49
CA PHE A 132 -16.84 -14.95 -3.73
C PHE A 132 -17.76 -14.97 -2.50
N THR A 133 -18.04 -16.16 -1.98
CA THR A 133 -18.81 -16.28 -0.75
C THR A 133 -18.05 -17.13 0.24
N VAL A 134 -18.37 -16.95 1.52
CA VAL A 134 -17.70 -17.62 2.62
C VAL A 134 -18.77 -18.05 3.60
N GLU A 135 -18.69 -19.29 4.08
CA GLU A 135 -19.60 -19.76 5.12
C GLU A 135 -18.92 -20.83 5.97
N ASN A 136 -19.32 -20.96 7.23
CA ASN A 136 -18.79 -22.02 8.08
C ASN A 136 -19.41 -23.36 7.72
N THR A 137 -18.67 -24.46 7.90
CA THR A 137 -19.19 -25.78 7.54
C THR A 137 -19.57 -26.58 8.77
N ASP A 138 -19.28 -26.01 9.94
CA ASP A 138 -19.62 -26.59 11.24
C ASP A 138 -20.38 -25.53 12.06
N PRO A 139 -21.55 -25.90 12.61
CA PRO A 139 -22.41 -25.00 13.37
C PRO A 139 -21.69 -24.29 14.51
N GLU A 140 -20.71 -24.96 15.12
CA GLU A 140 -19.96 -24.38 16.22
C GLU A 140 -19.12 -23.18 15.78
N CYS A 141 -18.84 -23.10 14.48
CA CYS A 141 -17.91 -22.11 13.96
C CYS A 141 -18.58 -21.00 13.17
N TYR A 142 -19.81 -20.66 13.56
CA TYR A 142 -20.56 -19.55 12.98
C TYR A 142 -19.78 -18.23 13.04
N TRP A 143 -18.97 -18.07 14.10
CA TRP A 143 -18.18 -16.86 14.30
C TRP A 143 -16.98 -16.74 13.35
N LEU A 144 -16.62 -17.84 12.70
CA LEU A 144 -15.36 -17.88 11.97
C LEU A 144 -15.46 -17.23 10.59
N THR A 145 -16.67 -17.22 10.03
CA THR A 145 -16.91 -16.65 8.70
C THR A 145 -16.39 -15.23 8.62
N ASN A 146 -16.79 -14.41 9.58
CA ASN A 146 -16.38 -13.01 9.56
C ASN A 146 -15.05 -12.70 10.26
N TRP A 147 -14.55 -13.63 11.07
CA TRP A 147 -13.19 -13.51 11.61
C TRP A 147 -12.19 -13.27 10.48
N ILE A 148 -12.36 -14.00 9.38
CA ILE A 148 -11.41 -13.93 8.27
C ILE A 148 -11.81 -12.93 7.19
N GLU A 149 -12.76 -12.04 7.50
CA GLU A 149 -13.11 -10.95 6.57
C GLU A 149 -11.88 -10.12 6.27
N THR A 150 -11.19 -9.73 7.33
CA THR A 150 -10.09 -8.77 7.22
C THR A 150 -9.03 -9.26 6.25
N ILE A 151 -8.63 -10.52 6.43
CA ILE A 151 -7.59 -11.08 5.58
C ILE A 151 -8.09 -11.29 4.14
N LEU A 152 -9.34 -11.73 3.99
CA LEU A 152 -9.89 -11.93 2.65
C LEU A 152 -10.13 -10.61 1.91
N VAL A 153 -10.54 -9.57 2.65
CA VAL A 153 -10.84 -8.28 2.02
C VAL A 153 -9.61 -7.66 1.40
N GLN A 154 -8.44 -8.06 1.87
CA GLN A 154 -7.20 -7.52 1.32
C GLN A 154 -7.02 -7.96 -0.13
N SER A 155 -7.88 -8.87 -0.61
CA SER A 155 -7.89 -9.21 -2.03
C SER A 155 -8.28 -7.99 -2.87
N TRP A 156 -8.83 -6.94 -2.23
CA TRP A 156 -9.13 -5.70 -2.96
C TRP A 156 -7.93 -5.18 -3.72
N TYR A 157 -6.74 -5.38 -3.16
CA TYR A 157 -5.53 -4.80 -3.72
C TYR A 157 -5.13 -5.44 -5.07
N PRO A 158 -4.92 -6.78 -5.12
CA PRO A 158 -4.62 -7.33 -6.46
C PRO A 158 -5.79 -7.19 -7.43
N ILE A 159 -7.01 -7.20 -6.94
CA ILE A 159 -8.14 -6.96 -7.84
C ILE A 159 -8.02 -5.57 -8.47
N THR A 160 -7.75 -4.57 -7.63
CA THR A 160 -7.71 -3.19 -8.11
C THR A 160 -6.48 -2.91 -8.98
N VAL A 161 -5.34 -3.49 -8.62
CA VAL A 161 -4.15 -3.30 -9.46
C VAL A 161 -4.38 -3.93 -10.83
N ALA A 162 -4.90 -5.16 -10.83
CA ALA A 162 -5.15 -5.87 -12.09
C ALA A 162 -6.15 -5.10 -12.95
N THR A 163 -7.17 -4.57 -12.30
CA THR A 163 -8.24 -3.86 -12.97
C THR A 163 -7.77 -2.50 -13.54
N ASN A 164 -7.07 -1.74 -12.71
CA ASN A 164 -6.55 -0.46 -13.16
C ASN A 164 -5.51 -0.65 -14.26
N SER A 165 -4.71 -1.69 -14.14
CA SER A 165 -3.71 -2.00 -15.17
C SER A 165 -4.39 -2.36 -16.49
N ARG A 166 -5.43 -3.19 -16.43
CA ARG A 166 -6.20 -3.58 -17.61
C ARG A 166 -6.88 -2.38 -18.29
N GLU A 167 -7.42 -1.46 -17.50
CA GLU A 167 -8.04 -0.26 -18.06
C GLU A 167 -7.02 0.58 -18.83
N GLN A 168 -5.78 0.63 -18.34
CA GLN A 168 -4.73 1.32 -19.06
C GLN A 168 -4.35 0.57 -20.34
N LYS A 169 -4.36 -0.75 -20.28
CA LYS A 169 -4.15 -1.55 -21.49
C LYS A 169 -5.22 -1.24 -22.55
N LYS A 170 -6.44 -0.95 -22.11
CA LYS A 170 -7.53 -0.62 -23.06
C LYS A 170 -7.24 0.67 -23.81
N ILE A 171 -6.80 1.68 -23.07
CA ILE A 171 -6.41 2.97 -23.65
C ILE A 171 -5.26 2.80 -24.65
N LEU A 172 -4.22 2.10 -24.22
CA LEU A 172 -3.07 1.86 -25.08
C LEU A 172 -3.49 1.11 -26.33
N ALA A 173 -4.33 0.08 -26.15
CA ALA A 173 -4.80 -0.71 -27.29
C ALA A 173 -5.52 0.17 -28.30
N LYS A 174 -6.40 1.03 -27.80
CA LYS A 174 -7.22 1.86 -28.69
C LYS A 174 -6.35 2.78 -29.54
N TYR A 175 -5.40 3.44 -28.90
CA TYR A 175 -4.55 4.40 -29.59
C TYR A 175 -3.46 3.73 -30.44
N LEU A 176 -2.92 2.60 -29.96
CA LEU A 176 -1.95 1.87 -30.76
C LEU A 176 -2.61 1.40 -32.07
N LEU A 177 -3.82 0.84 -31.95
CA LEU A 177 -4.55 0.34 -33.10
C LEU A 177 -4.91 1.48 -34.04
N GLU A 178 -5.36 2.59 -33.49
CA GLU A 178 -5.74 3.73 -34.33
C GLU A 178 -4.55 4.34 -35.07
N THR A 179 -3.40 4.44 -34.42
CA THR A 179 -2.27 5.13 -35.05
C THR A 179 -1.34 4.19 -35.83
N SER A 180 -1.52 2.88 -35.71
CA SER A 180 -0.60 1.95 -36.36
C SER A 180 -1.29 0.81 -37.12
N GLY A 181 -2.55 0.54 -36.79
CA GLY A 181 -3.29 -0.49 -37.49
C GLY A 181 -3.21 -1.87 -36.87
N ASN A 182 -2.43 -2.02 -35.80
CA ASN A 182 -2.36 -3.31 -35.13
C ASN A 182 -1.99 -3.15 -33.65
N LEU A 183 -1.79 -4.28 -32.97
CA LEU A 183 -1.55 -4.27 -31.53
C LEU A 183 -0.22 -4.92 -31.17
N ASP A 184 0.69 -5.01 -32.14
CA ASP A 184 1.98 -5.65 -31.91
C ASP A 184 2.72 -4.99 -30.74
N GLY A 185 3.14 -5.80 -29.78
CA GLY A 185 3.95 -5.31 -28.69
C GLY A 185 3.16 -4.59 -27.61
N LEU A 186 1.83 -4.62 -27.71
CA LEU A 186 0.96 -4.01 -26.70
C LEU A 186 1.30 -4.45 -25.27
N GLU A 187 1.65 -5.73 -25.11
CA GLU A 187 1.92 -6.27 -23.79
C GLU A 187 3.22 -5.76 -23.14
N TYR A 188 3.98 -4.93 -23.85
CA TYR A 188 5.21 -4.34 -23.30
C TYR A 188 5.10 -2.81 -23.20
N LYS A 189 3.90 -2.28 -23.43
CA LYS A 189 3.73 -0.82 -23.49
C LYS A 189 3.59 -0.13 -22.12
N LEU A 190 3.32 -0.90 -21.07
CA LEU A 190 3.23 -0.32 -19.73
C LEU A 190 4.09 -1.12 -18.77
N HIS A 191 5.22 -0.54 -18.37
CA HIS A 191 6.20 -1.22 -17.54
C HIS A 191 6.04 -0.85 -16.07
N ASP A 192 6.18 -1.85 -15.19
CA ASP A 192 6.07 -1.67 -13.74
C ASP A 192 7.37 -1.11 -13.16
N PHE A 193 7.33 0.13 -12.68
CA PHE A 193 8.43 0.82 -12.00
C PHE A 193 8.19 0.94 -10.48
N GLY A 194 7.20 0.23 -9.98
CA GLY A 194 6.65 0.55 -8.67
C GLY A 194 7.29 0.03 -7.40
N TYR A 195 8.38 -0.72 -7.53
CA TYR A 195 8.97 -1.42 -6.38
C TYR A 195 9.31 -0.50 -5.18
N ARG A 196 10.01 0.59 -5.45
CA ARG A 196 10.41 1.49 -4.36
C ARG A 196 9.23 2.28 -3.81
N GLY A 197 8.17 2.39 -4.61
CA GLY A 197 7.05 3.28 -4.32
C GLY A 197 5.87 2.63 -3.60
N VAL A 198 5.97 1.33 -3.33
CA VAL A 198 4.92 0.67 -2.57
C VAL A 198 5.27 0.61 -1.08
N SER A 199 4.36 0.09 -0.28
CA SER A 199 4.44 0.22 1.16
C SER A 199 5.22 -0.91 1.83
N SER A 200 5.46 -2.00 1.11
CA SER A 200 6.22 -3.11 1.70
C SER A 200 6.70 -4.10 0.64
N GLN A 201 7.61 -4.98 1.04
CA GLN A 201 8.05 -6.06 0.16
C GLN A 201 6.88 -6.96 -0.26
N GLU A 202 6.02 -7.31 0.69
CA GLU A 202 4.90 -8.21 0.35
C GLU A 202 3.97 -7.56 -0.67
N THR A 203 3.66 -6.28 -0.45
CA THR A 203 2.82 -5.53 -1.38
C THR A 203 3.43 -5.50 -2.78
N ALA A 204 4.74 -5.28 -2.85
CA ALA A 204 5.45 -5.25 -4.12
C ALA A 204 5.20 -6.53 -4.93
N GLY A 205 5.41 -7.68 -4.31
CA GLY A 205 5.18 -8.95 -4.98
C GLY A 205 3.74 -9.09 -5.45
N ILE A 206 2.79 -8.78 -4.57
CA ILE A 206 1.38 -8.93 -4.91
C ILE A 206 0.95 -7.97 -6.03
N GLY A 207 1.34 -6.71 -5.90
CA GLY A 207 0.97 -5.71 -6.90
C GLY A 207 1.61 -6.00 -8.24
N ALA A 208 2.87 -6.36 -8.23
CA ALA A 208 3.57 -6.66 -9.48
C ALA A 208 2.93 -7.85 -10.20
N SER A 209 2.52 -8.86 -9.44
CA SER A 209 1.89 -10.03 -10.05
C SER A 209 0.57 -9.63 -10.71
N ALA A 210 -0.14 -8.69 -10.11
CA ALA A 210 -1.44 -8.27 -10.63
C ALA A 210 -1.31 -7.49 -11.93
N HIS A 211 -0.23 -6.72 -12.04
CA HIS A 211 0.03 -5.99 -13.28
C HIS A 211 0.37 -6.98 -14.38
N LEU A 212 1.07 -8.07 -14.02
CA LEU A 212 1.51 -9.07 -15.00
C LEU A 212 0.37 -9.91 -15.57
N VAL A 213 -0.81 -9.78 -14.99
CA VAL A 213 -2.01 -10.36 -15.58
C VAL A 213 -2.27 -9.76 -16.98
N ASN A 214 -1.88 -8.49 -17.15
CA ASN A 214 -2.16 -7.75 -18.38
C ASN A 214 -0.92 -7.47 -19.25
N PHE A 215 0.24 -7.38 -18.63
CA PHE A 215 1.45 -7.02 -19.36
C PHE A 215 2.60 -7.98 -19.03
N LYS A 216 3.71 -7.84 -19.75
CA LYS A 216 4.87 -8.71 -19.53
C LYS A 216 6.09 -7.96 -19.00
N GLY A 217 6.01 -6.63 -18.91
CA GLY A 217 7.17 -5.84 -18.56
C GLY A 217 7.17 -5.38 -17.11
N THR A 218 8.22 -5.72 -16.37
CA THR A 218 8.29 -5.35 -14.95
C THR A 218 9.72 -5.25 -14.45
N ASP A 219 9.98 -4.27 -13.60
CA ASP A 219 11.23 -4.23 -12.84
C ASP A 219 11.01 -4.63 -11.38
N THR A 220 9.76 -4.92 -11.03
CA THR A 220 9.46 -5.32 -9.64
C THR A 220 9.63 -6.82 -9.52
N VAL A 221 10.87 -7.23 -9.27
CA VAL A 221 11.30 -8.62 -9.32
C VAL A 221 10.49 -9.55 -8.41
N ALA A 222 10.03 -9.00 -7.29
CA ALA A 222 9.27 -9.76 -6.30
C ALA A 222 8.04 -10.46 -6.89
N GLY A 223 7.45 -9.86 -7.93
CA GLY A 223 6.30 -10.45 -8.58
C GLY A 223 6.56 -11.84 -9.16
N LEU A 224 7.77 -12.06 -9.66
CA LEU A 224 8.09 -13.32 -10.33
C LEU A 224 7.99 -14.51 -9.40
N ALA A 225 8.59 -14.42 -8.21
CA ALA A 225 8.61 -15.56 -7.30
C ALA A 225 7.21 -15.88 -6.80
N LEU A 226 6.42 -14.84 -6.59
CA LEU A 226 5.05 -15.02 -6.14
C LEU A 226 4.27 -15.84 -7.18
N ILE A 227 4.39 -15.45 -8.45
CA ILE A 227 3.68 -16.16 -9.49
C ILE A 227 4.16 -17.61 -9.59
N LYS A 228 5.47 -17.81 -9.55
CA LYS A 228 6.04 -19.16 -9.62
C LYS A 228 5.50 -20.06 -8.50
N LYS A 229 5.46 -19.52 -7.29
CA LYS A 229 5.04 -20.31 -6.12
C LYS A 229 3.53 -20.55 -6.03
N TYR A 230 2.72 -19.55 -6.37
CA TYR A 230 1.29 -19.63 -6.09
C TYR A 230 0.39 -19.90 -7.30
N TYR A 231 0.90 -19.65 -8.49
CA TYR A 231 0.08 -19.77 -9.70
C TYR A 231 0.73 -20.64 -10.79
N GLY A 232 1.93 -20.28 -11.20
CA GLY A 232 2.69 -21.05 -12.18
C GLY A 232 2.47 -20.60 -13.62
N THR A 233 3.54 -20.66 -14.41
CA THR A 233 3.47 -20.40 -15.85
C THR A 233 4.22 -21.46 -16.65
N LYS A 234 3.74 -21.75 -17.85
CA LYS A 234 4.47 -22.62 -18.79
C LYS A 234 5.86 -22.05 -19.08
N ASP A 235 5.92 -20.74 -19.36
CA ASP A 235 7.18 -20.04 -19.60
C ASP A 235 8.04 -19.98 -18.34
N PRO A 236 9.38 -19.84 -18.50
CA PRO A 236 10.28 -19.78 -17.34
C PRO A 236 9.89 -18.66 -16.37
N VAL A 237 9.63 -17.46 -16.90
CA VAL A 237 9.18 -16.35 -16.07
C VAL A 237 7.98 -15.63 -16.67
N PRO A 238 7.14 -15.02 -15.82
CA PRO A 238 5.96 -14.28 -16.29
C PRO A 238 6.27 -12.87 -16.76
N GLY A 239 7.45 -12.36 -16.43
CA GLY A 239 7.79 -10.98 -16.73
C GLY A 239 9.25 -10.72 -17.03
N TYR A 240 9.51 -9.65 -17.77
CA TYR A 240 10.82 -9.40 -18.36
C TYR A 240 11.25 -7.95 -18.20
N SER A 241 12.55 -7.73 -18.22
CA SER A 241 13.06 -6.36 -18.23
C SER A 241 14.20 -6.18 -19.22
N VAL A 242 14.74 -4.95 -19.26
CA VAL A 242 15.89 -4.62 -20.12
C VAL A 242 16.84 -3.72 -19.35
N PRO A 243 18.12 -3.71 -19.74
CA PRO A 243 19.07 -2.80 -19.10
C PRO A 243 18.62 -1.34 -19.24
N ALA A 244 18.90 -0.56 -18.21
CA ALA A 244 18.47 0.82 -18.17
C ALA A 244 19.35 1.56 -17.19
N ALA A 245 19.60 2.83 -17.47
CA ALA A 245 20.40 3.64 -16.60
C ALA A 245 19.50 4.24 -15.53
N GLU A 246 20.09 4.70 -14.44
CA GLU A 246 19.39 5.55 -13.48
C GLU A 246 20.21 6.82 -13.38
N HIS A 247 19.71 7.83 -12.68
CA HIS A 247 20.44 9.08 -12.60
C HIS A 247 21.84 8.91 -12.00
N SER A 248 21.97 8.00 -11.05
CA SER A 248 23.27 7.80 -10.41
C SER A 248 24.35 7.35 -11.42
N THR A 249 23.99 6.48 -12.36
CA THR A 249 24.97 5.97 -13.34
C THR A 249 25.34 6.98 -14.42
N ILE A 250 24.54 8.03 -14.55
CA ILE A 250 24.91 9.15 -15.42
C ILE A 250 25.67 10.21 -14.62
N THR A 251 25.08 10.69 -13.52
CA THR A 251 25.67 11.79 -12.78
C THR A 251 27.03 11.47 -12.17
N ALA A 252 27.26 10.21 -11.82
CA ALA A 252 28.54 9.79 -11.25
C ALA A 252 29.73 10.11 -12.15
N TRP A 253 29.46 10.32 -13.43
CA TRP A 253 30.51 10.66 -14.39
C TRP A 253 30.92 12.12 -14.24
N GLY A 254 30.09 12.89 -13.53
CA GLY A 254 30.34 14.30 -13.37
C GLY A 254 29.57 15.10 -14.38
N LYS A 255 29.26 16.34 -14.03
CA LYS A 255 28.40 17.20 -14.84
C LYS A 255 28.91 17.41 -16.28
N ASP A 256 30.22 17.55 -16.44
CA ASP A 256 30.79 17.81 -17.77
C ASP A 256 30.93 16.57 -18.63
N HIS A 257 30.51 15.42 -18.13
CA HIS A 257 30.80 14.17 -18.84
C HIS A 257 29.56 13.33 -19.09
N GLU A 258 28.41 13.98 -19.20
CA GLU A 258 27.18 13.27 -19.53
C GLU A 258 27.35 12.50 -20.85
N LYS A 259 28.02 13.11 -21.81
CA LYS A 259 28.23 12.45 -23.10
C LYS A 259 29.04 11.18 -22.93
N ASP A 260 30.07 11.25 -22.09
CA ASP A 260 30.88 10.08 -21.79
C ASP A 260 30.05 8.97 -21.16
N ALA A 261 29.17 9.34 -20.24
CA ALA A 261 28.29 8.37 -19.61
C ALA A 261 27.40 7.70 -20.64
N PHE A 262 26.78 8.51 -21.50
CA PHE A 262 25.87 7.99 -22.53
C PHE A 262 26.63 7.02 -23.43
N GLU A 263 27.80 7.44 -23.89
CA GLU A 263 28.57 6.62 -24.83
C GLU A 263 28.98 5.29 -24.21
N HIS A 264 29.47 5.32 -22.98
CA HIS A 264 29.88 4.11 -22.26
C HIS A 264 28.72 3.13 -22.12
N ILE A 265 27.57 3.62 -21.71
CA ILE A 265 26.41 2.76 -21.47
C ILE A 265 25.87 2.10 -22.74
N VAL A 266 25.70 2.86 -23.81
CA VAL A 266 25.16 2.26 -25.04
C VAL A 266 26.16 1.32 -25.66
N THR A 267 27.44 1.52 -25.36
CA THR A 267 28.46 0.63 -25.90
C THR A 267 28.54 -0.66 -25.09
N GLN A 268 28.34 -0.55 -23.78
CA GLN A 268 28.29 -1.74 -22.92
C GLN A 268 27.09 -2.60 -23.28
N PHE A 269 25.99 -1.95 -23.66
CA PHE A 269 24.78 -2.67 -24.00
C PHE A 269 24.46 -2.45 -25.48
N SER A 270 25.38 -2.90 -26.33
CA SER A 270 25.31 -2.63 -27.77
C SER A 270 24.34 -3.55 -28.49
N SER A 271 24.07 -4.72 -27.92
CA SER A 271 23.32 -5.74 -28.63
C SER A 271 21.99 -6.12 -27.98
N VAL A 272 21.59 -5.36 -26.96
CA VAL A 272 20.28 -5.54 -26.34
C VAL A 272 19.60 -4.18 -26.24
N PRO A 273 18.27 -4.16 -26.03
CA PRO A 273 17.64 -2.85 -25.88
C PRO A 273 18.21 -2.19 -24.63
N VAL A 274 18.38 -0.88 -24.67
CA VAL A 274 18.86 -0.19 -23.49
C VAL A 274 18.17 1.15 -23.37
N SER A 275 17.72 1.45 -22.16
CA SER A 275 17.08 2.72 -21.90
C SER A 275 18.06 3.63 -21.17
N VAL A 276 18.10 4.90 -21.56
CA VAL A 276 19.01 5.85 -20.93
C VAL A 276 18.31 7.13 -20.51
N VAL A 277 18.20 7.33 -19.19
CA VAL A 277 17.57 8.54 -18.67
C VAL A 277 18.42 9.75 -19.07
N SER A 278 17.76 10.74 -19.66
CA SER A 278 18.48 11.78 -20.36
C SER A 278 18.17 13.17 -19.86
N ASP A 279 17.53 13.27 -18.70
CA ASP A 279 17.10 14.57 -18.19
C ASP A 279 17.89 15.03 -16.96
N SER A 280 19.03 14.40 -16.68
CA SER A 280 19.84 14.76 -15.52
C SER A 280 20.08 16.27 -15.40
N TYR A 281 20.41 16.90 -16.53
CA TYR A 281 20.71 18.32 -16.53
C TYR A 281 19.84 19.10 -17.51
N ASP A 282 19.69 18.57 -18.72
CA ASP A 282 18.89 19.25 -19.74
C ASP A 282 18.47 18.22 -20.79
N ILE A 283 17.22 17.76 -20.68
CA ILE A 283 16.69 16.73 -21.56
C ILE A 283 16.72 17.12 -23.04
N TYR A 284 16.49 18.40 -23.31
CA TYR A 284 16.40 18.87 -24.69
C TYR A 284 17.77 18.98 -25.36
N ASN A 285 18.75 19.44 -24.59
CA ASN A 285 20.13 19.42 -25.05
C ASN A 285 20.58 18.00 -25.30
N ALA A 286 20.25 17.12 -24.35
CA ALA A 286 20.60 15.71 -24.43
C ALA A 286 20.09 15.08 -25.72
N CYS A 287 18.83 15.35 -26.05
CA CYS A 287 18.25 14.79 -27.26
C CYS A 287 18.80 15.42 -28.54
N GLU A 288 18.90 16.74 -28.55
CA GLU A 288 19.26 17.44 -29.78
C GLU A 288 20.75 17.42 -30.06
N LYS A 289 21.55 17.67 -29.03
CA LYS A 289 23.00 17.77 -29.20
C LYS A 289 23.80 16.50 -28.90
N ILE A 290 23.48 15.80 -27.80
CA ILE A 290 24.25 14.63 -27.42
C ILE A 290 23.83 13.40 -28.23
N TRP A 291 22.56 12.99 -28.12
CA TRP A 291 22.08 11.88 -28.92
C TRP A 291 21.98 12.29 -30.39
N GLY A 292 21.52 13.51 -30.62
CA GLY A 292 21.16 13.94 -31.96
C GLY A 292 22.33 14.32 -32.85
N GLU A 293 23.50 14.52 -32.24
CA GLU A 293 24.69 14.91 -33.00
C GLU A 293 25.93 14.15 -32.57
N ASP A 294 26.41 14.43 -31.35
CA ASP A 294 27.68 13.87 -30.88
C ASP A 294 27.69 12.35 -30.94
N LEU A 295 26.59 11.72 -30.54
CA LEU A 295 26.56 10.26 -30.42
C LEU A 295 25.63 9.60 -31.45
N ARG A 296 25.12 10.40 -32.38
CA ARG A 296 24.22 9.93 -33.43
C ARG A 296 24.70 8.64 -34.10
N HIS A 297 26.01 8.54 -34.29
CA HIS A 297 26.59 7.42 -35.04
C HIS A 297 26.53 6.11 -34.27
N LEU A 298 26.37 6.19 -32.95
CA LEU A 298 26.26 4.99 -32.13
C LEU A 298 24.81 4.53 -32.04
N ILE A 299 23.90 5.38 -32.49
CA ILE A 299 22.48 5.10 -32.44
C ILE A 299 22.01 4.49 -33.77
N VAL A 300 22.31 5.19 -34.87
CA VAL A 300 21.82 4.76 -36.19
C VAL A 300 22.37 3.38 -36.62
N SER A 301 23.38 2.91 -35.90
CA SER A 301 24.01 1.63 -36.20
C SER A 301 23.35 0.45 -35.46
N ARG A 302 22.47 0.75 -34.51
CA ARG A 302 21.89 -0.30 -33.66
C ARG A 302 20.84 -1.17 -34.35
N SER A 303 20.68 -2.40 -33.87
CA SER A 303 19.70 -3.34 -34.40
C SER A 303 18.26 -2.95 -34.03
N THR A 304 17.31 -3.37 -34.86
CA THR A 304 15.89 -3.24 -34.56
C THR A 304 15.52 -3.99 -33.27
N GLN A 305 16.25 -5.07 -32.98
CA GLN A 305 16.01 -5.85 -31.76
C GLN A 305 16.73 -5.26 -30.54
N ALA A 306 17.51 -4.21 -30.76
CA ALA A 306 18.24 -3.57 -29.68
C ALA A 306 18.24 -2.05 -29.79
N PRO A 307 17.05 -1.43 -29.80
CA PRO A 307 17.01 0.03 -29.92
C PRO A 307 17.57 0.75 -28.69
N LEU A 308 17.96 2.02 -28.89
CA LEU A 308 18.11 2.94 -27.77
C LEU A 308 16.74 3.47 -27.39
N ILE A 309 16.43 3.47 -26.10
CA ILE A 309 15.20 4.08 -25.66
C ILE A 309 15.56 5.30 -24.82
N ILE A 310 15.22 6.48 -25.32
CA ILE A 310 15.51 7.71 -24.62
C ILE A 310 14.44 7.91 -23.55
N ARG A 311 14.86 8.26 -22.34
CA ARG A 311 13.92 8.40 -21.24
C ARG A 311 13.97 9.80 -20.63
N PRO A 312 12.97 10.63 -20.94
CA PRO A 312 12.81 11.85 -20.15
C PRO A 312 12.23 11.44 -18.80
N ASP A 313 12.31 12.31 -17.78
CA ASP A 313 11.88 11.92 -16.45
C ASP A 313 11.43 13.12 -15.61
N SER A 314 11.15 14.23 -16.27
CA SER A 314 10.76 15.45 -15.55
C SER A 314 10.03 16.40 -16.48
N GLY A 315 9.32 17.37 -15.88
CA GLY A 315 8.57 18.34 -16.64
C GLY A 315 7.16 17.83 -16.90
N ASN A 316 6.35 18.67 -17.54
CA ASN A 316 5.01 18.24 -17.92
C ASN A 316 5.11 17.02 -18.83
N PRO A 317 4.48 15.90 -18.43
CA PRO A 317 4.65 14.64 -19.19
C PRO A 317 4.26 14.76 -20.65
N LEU A 318 3.11 15.38 -20.94
CA LEU A 318 2.70 15.51 -22.34
C LEU A 318 3.61 16.47 -23.09
N ASP A 319 3.86 17.63 -22.50
CA ASP A 319 4.66 18.65 -23.19
C ASP A 319 6.05 18.11 -23.46
N THR A 320 6.60 17.37 -22.51
CA THR A 320 7.96 16.90 -22.64
C THR A 320 8.06 15.82 -23.69
N VAL A 321 7.13 14.86 -23.64
CA VAL A 321 7.09 13.81 -24.66
C VAL A 321 7.02 14.40 -26.08
N LEU A 322 6.13 15.37 -26.28
CA LEU A 322 5.96 15.96 -27.60
C LEU A 322 7.22 16.71 -28.06
N LYS A 323 7.82 17.47 -27.15
CA LYS A 323 9.05 18.19 -27.48
C LYS A 323 10.21 17.24 -27.79
N VAL A 324 10.32 16.16 -27.01
CA VAL A 324 11.34 15.14 -27.27
C VAL A 324 11.16 14.52 -28.66
N LEU A 325 9.93 14.15 -29.00
CA LEU A 325 9.65 13.58 -30.32
C LEU A 325 9.93 14.59 -31.43
N GLU A 326 9.53 15.85 -31.20
CA GLU A 326 9.80 16.91 -32.19
C GLU A 326 11.31 17.05 -32.46
N ILE A 327 12.10 17.03 -31.38
CA ILE A 327 13.55 17.11 -31.47
C ILE A 327 14.13 15.92 -32.22
N LEU A 328 13.78 14.71 -31.78
CA LEU A 328 14.30 13.50 -32.40
C LEU A 328 13.90 13.41 -33.87
N GLY A 329 12.69 13.85 -34.17
CA GLY A 329 12.17 13.80 -35.52
C GLY A 329 12.98 14.64 -36.49
N LYS A 330 13.65 15.64 -35.97
CA LYS A 330 14.45 16.52 -36.81
C LYS A 330 15.90 16.05 -36.93
N LYS A 331 16.30 15.16 -36.04
CA LYS A 331 17.67 14.64 -36.02
C LYS A 331 17.79 13.25 -36.63
N PHE A 332 16.68 12.51 -36.68
CA PHE A 332 16.68 11.15 -37.18
C PHE A 332 15.66 10.99 -38.32
N PRO A 333 15.86 10.01 -39.19
CA PRO A 333 14.95 9.87 -40.34
C PRO A 333 13.58 9.31 -39.97
N VAL A 334 12.59 10.18 -39.84
CA VAL A 334 11.23 9.77 -39.56
C VAL A 334 10.51 9.29 -40.81
N THR A 335 9.71 8.23 -40.66
CA THR A 335 8.85 7.77 -41.75
C THR A 335 7.40 8.06 -41.43
N GLU A 336 6.53 7.83 -42.40
CA GLU A 336 5.10 7.96 -42.17
C GLU A 336 4.46 6.61 -42.43
N ASN A 337 3.76 6.07 -41.44
CA ASN A 337 3.20 4.73 -41.57
C ASN A 337 1.91 4.72 -42.41
N SER A 338 1.35 3.54 -42.60
CA SER A 338 0.20 3.39 -43.49
C SER A 338 -1.03 4.11 -42.97
N LYS A 339 -1.04 4.42 -41.67
CA LYS A 339 -2.17 5.16 -41.10
C LYS A 339 -1.93 6.67 -41.15
N GLY A 340 -0.77 7.07 -41.63
CA GLY A 340 -0.46 8.48 -41.75
C GLY A 340 0.26 9.09 -40.55
N TYR A 341 0.69 8.24 -39.61
CA TYR A 341 1.35 8.74 -38.41
C TYR A 341 2.88 8.65 -38.47
N LYS A 342 3.55 9.61 -37.82
CA LYS A 342 4.99 9.67 -37.84
C LYS A 342 5.62 8.54 -37.02
N LEU A 343 6.70 7.96 -37.57
CA LEU A 343 7.36 6.84 -36.92
C LEU A 343 8.88 7.01 -36.92
N LEU A 344 9.46 7.00 -35.72
CA LEU A 344 10.91 7.04 -35.55
C LEU A 344 11.53 5.81 -36.19
N PRO A 345 12.82 5.89 -36.56
CA PRO A 345 13.52 4.70 -37.05
C PRO A 345 13.50 3.62 -35.96
N PRO A 346 13.58 2.34 -36.35
CA PRO A 346 13.36 1.24 -35.41
C PRO A 346 14.46 1.08 -34.36
N TYR A 347 15.57 1.79 -34.52
CA TYR A 347 16.65 1.70 -33.54
C TYR A 347 16.46 2.72 -32.43
N LEU A 348 15.36 3.47 -32.47
CA LEU A 348 15.15 4.56 -31.55
C LEU A 348 13.71 4.64 -31.03
N ARG A 349 13.56 4.60 -29.71
CA ARG A 349 12.25 4.74 -29.09
C ARG A 349 12.30 5.65 -27.86
N VAL A 350 11.13 5.94 -27.30
CA VAL A 350 11.06 6.77 -26.11
C VAL A 350 10.24 6.05 -25.03
N ILE A 351 10.59 6.28 -23.77
CA ILE A 351 9.75 5.82 -22.68
C ILE A 351 9.54 6.96 -21.69
N GLN A 352 8.28 7.23 -21.37
CA GLN A 352 7.92 8.23 -20.38
C GLN A 352 7.59 7.48 -19.10
N GLY A 353 8.35 7.75 -18.04
CA GLY A 353 8.15 7.00 -16.81
C GLY A 353 8.06 7.87 -15.56
N ASP A 354 7.65 9.11 -15.75
CA ASP A 354 7.46 10.03 -14.64
C ASP A 354 6.03 10.55 -14.64
N GLY A 355 5.33 10.39 -13.51
CA GLY A 355 3.99 10.92 -13.38
C GLY A 355 2.93 10.24 -14.23
N VAL A 356 3.18 9.01 -14.66
CA VAL A 356 2.20 8.28 -15.45
C VAL A 356 1.17 7.57 -14.56
N ASP A 357 -0.09 7.96 -14.71
CA ASP A 357 -1.20 7.18 -14.15
C ASP A 357 -2.27 7.05 -15.22
N ILE A 358 -3.43 6.49 -14.88
CA ILE A 358 -4.42 6.24 -15.92
C ILE A 358 -4.91 7.53 -16.58
N ASN A 359 -5.03 8.60 -15.81
CA ASN A 359 -5.43 9.90 -16.36
C ASN A 359 -4.37 10.50 -17.29
N THR A 360 -3.12 10.54 -16.86
CA THR A 360 -2.08 11.18 -17.65
C THR A 360 -1.70 10.32 -18.85
N LEU A 361 -1.82 9.00 -18.71
CA LEU A 361 -1.59 8.08 -19.83
C LEU A 361 -2.51 8.44 -20.98
N GLN A 362 -3.79 8.61 -20.65
CA GLN A 362 -4.81 9.00 -21.62
C GLN A 362 -4.43 10.33 -22.27
N GLU A 363 -4.03 11.30 -21.46
CA GLU A 363 -3.68 12.64 -21.96
C GLU A 363 -2.49 12.62 -22.91
N ILE A 364 -1.49 11.79 -22.62
CA ILE A 364 -0.31 11.70 -23.48
C ILE A 364 -0.62 11.07 -24.83
N VAL A 365 -1.30 9.92 -24.84
CA VAL A 365 -1.54 9.25 -26.12
C VAL A 365 -2.51 10.07 -26.98
N GLU A 366 -3.47 10.76 -26.35
CA GLU A 366 -4.37 11.60 -27.11
C GLU A 366 -3.58 12.78 -27.68
N GLY A 367 -2.63 13.29 -26.90
CA GLY A 367 -1.80 14.41 -27.33
C GLY A 367 -0.91 14.02 -28.48
N MET A 368 -0.30 12.84 -28.39
CA MET A 368 0.50 12.29 -29.49
C MET A 368 -0.32 12.13 -30.75
N LYS A 369 -1.53 11.57 -30.62
CA LYS A 369 -2.37 11.37 -31.81
C LYS A 369 -2.69 12.70 -32.51
N GLN A 370 -2.97 13.73 -31.71
CA GLN A 370 -3.27 15.07 -32.23
C GLN A 370 -2.12 15.62 -33.05
N LYS A 371 -0.91 15.33 -32.59
CA LYS A 371 0.29 15.81 -33.24
C LYS A 371 0.82 14.80 -34.27
N MET A 372 0.01 13.80 -34.61
CA MET A 372 0.31 12.83 -35.67
C MET A 372 1.51 11.91 -35.40
N TRP A 373 1.76 11.60 -34.13
CA TRP A 373 2.80 10.66 -33.75
C TRP A 373 2.21 9.29 -33.41
N SER A 374 2.72 8.24 -34.04
CA SER A 374 2.25 6.89 -33.72
C SER A 374 2.57 6.49 -32.28
N ILE A 375 1.68 5.72 -31.68
CA ILE A 375 1.91 5.17 -30.33
C ILE A 375 3.03 4.13 -30.37
N GLU A 376 3.38 3.68 -31.57
CA GLU A 376 4.50 2.77 -31.75
C GLU A 376 5.80 3.36 -31.17
N ASN A 377 5.92 4.67 -31.20
CA ASN A 377 7.16 5.34 -30.79
C ASN A 377 7.41 5.31 -29.29
N ILE A 378 6.35 5.07 -28.53
CA ILE A 378 6.42 5.33 -27.10
C ILE A 378 6.03 4.13 -26.26
N ALA A 379 6.64 4.03 -25.08
CA ALA A 379 6.17 3.12 -24.03
C ALA A 379 6.05 3.92 -22.73
N PHE A 380 5.43 3.31 -21.73
CA PHE A 380 5.21 4.01 -20.48
C PHE A 380 5.71 3.19 -19.31
N GLY A 381 6.28 3.86 -18.32
CA GLY A 381 6.61 3.21 -17.07
C GLY A 381 5.77 3.90 -16.02
N SER A 382 5.27 3.15 -15.05
CA SER A 382 4.47 3.75 -13.99
C SER A 382 4.80 3.05 -12.69
N GLY A 383 4.93 3.82 -11.62
CA GLY A 383 5.36 3.31 -10.34
C GLY A 383 4.29 3.50 -9.29
N GLY A 384 4.30 4.65 -8.62
CA GLY A 384 3.28 4.97 -7.65
C GLY A 384 1.86 4.84 -8.20
N GLY A 385 1.68 5.33 -9.42
CA GLY A 385 0.36 5.31 -10.04
C GLY A 385 -0.16 3.91 -10.29
N LEU A 386 0.73 2.98 -10.59
CA LEU A 386 0.35 1.62 -10.94
C LEU A 386 0.09 0.74 -9.71
N LEU A 387 0.96 0.87 -8.72
CA LEU A 387 0.97 -0.07 -7.59
C LEU A 387 0.59 0.50 -6.21
N GLN A 388 0.62 1.81 -6.04
CA GLN A 388 0.39 2.39 -4.71
C GLN A 388 -0.77 3.38 -4.62
N LYS A 389 -0.96 4.20 -5.65
CA LYS A 389 -2.02 5.21 -5.62
C LYS A 389 -3.39 4.58 -5.90
N LEU A 390 -3.78 3.64 -5.06
CA LEU A 390 -5.06 2.94 -5.20
C LEU A 390 -5.58 2.65 -3.81
N THR A 391 -6.90 2.62 -3.65
CA THR A 391 -7.52 2.31 -2.35
C THR A 391 -8.70 1.36 -2.52
N ARG A 392 -9.19 0.84 -1.41
CA ARG A 392 -10.30 -0.10 -1.42
C ARG A 392 -11.60 0.56 -1.89
N ASP A 393 -11.68 1.89 -1.78
CA ASP A 393 -12.93 2.53 -2.20
C ASP A 393 -12.99 2.87 -3.69
N LEU A 394 -11.88 2.67 -4.40
CA LEU A 394 -11.89 2.88 -5.85
C LEU A 394 -12.92 1.98 -6.53
N LEU A 395 -12.94 0.69 -6.18
CA LEU A 395 -13.95 -0.24 -6.69
C LEU A 395 -14.97 -0.63 -5.62
N ASN A 396 -14.89 0.02 -4.46
CA ASN A 396 -15.77 -0.32 -3.33
C ASN A 396 -15.76 -1.81 -3.04
N CYS A 397 -14.57 -2.39 -2.93
CA CYS A 397 -14.45 -3.79 -2.56
C CYS A 397 -14.91 -3.97 -1.11
N SER A 398 -15.85 -4.90 -0.91
CA SER A 398 -16.56 -4.97 0.37
C SER A 398 -17.07 -6.39 0.65
N PHE A 399 -17.10 -6.76 1.93
CA PHE A 399 -17.43 -8.11 2.40
C PHE A 399 -18.59 -7.91 3.36
N LYS A 400 -19.71 -8.61 3.15
CA LYS A 400 -20.89 -8.42 4.00
C LYS A 400 -21.63 -9.72 4.26
N CYS A 401 -22.23 -9.84 5.44
CA CYS A 401 -23.07 -10.98 5.75
C CYS A 401 -24.44 -10.85 5.07
N SER A 402 -24.88 -11.90 4.37
CA SER A 402 -26.17 -11.84 3.66
C SER A 402 -27.18 -12.92 4.08
N TYR A 403 -26.74 -13.89 4.87
CA TYR A 403 -27.61 -15.01 5.22
C TYR A 403 -27.12 -15.63 6.52
N VAL A 404 -28.04 -15.82 7.45
CA VAL A 404 -27.74 -16.55 8.68
C VAL A 404 -28.80 -17.60 8.94
N VAL A 405 -28.44 -18.64 9.68
CA VAL A 405 -29.44 -19.60 10.17
C VAL A 405 -29.46 -19.52 11.70
N THR A 406 -30.63 -19.20 12.24
CA THR A 406 -30.79 -19.05 13.68
C THR A 406 -32.01 -19.87 14.08
N ASN A 407 -31.83 -20.71 15.10
CA ASN A 407 -32.88 -21.64 15.52
C ASN A 407 -33.39 -22.50 14.39
N GLY A 408 -32.47 -22.93 13.52
CA GLY A 408 -32.81 -23.77 12.39
C GLY A 408 -33.50 -23.08 11.23
N LEU A 409 -33.72 -21.78 11.35
CA LEU A 409 -34.38 -21.04 10.28
C LEU A 409 -33.42 -20.08 9.58
N GLY A 410 -33.34 -20.19 8.26
CA GLY A 410 -32.48 -19.29 7.51
C GLY A 410 -33.14 -17.94 7.39
N ILE A 411 -32.38 -16.86 7.57
CA ILE A 411 -32.95 -15.55 7.30
C ILE A 411 -32.02 -14.69 6.44
N ASN A 412 -32.63 -13.91 5.55
CA ASN A 412 -31.90 -13.08 4.61
C ASN A 412 -31.60 -11.75 5.26
N VAL A 413 -30.32 -11.43 5.41
CA VAL A 413 -29.95 -10.21 6.11
C VAL A 413 -29.12 -9.27 5.23
N PHE A 414 -29.04 -8.02 5.66
CA PHE A 414 -28.47 -6.95 4.83
C PHE A 414 -28.39 -5.67 5.66
N LYS A 415 -27.60 -4.73 5.17
CA LYS A 415 -27.63 -3.35 5.65
C LYS A 415 -28.26 -2.46 4.56
N ASP A 416 -28.82 -1.33 4.97
CA ASP A 416 -29.46 -0.41 4.03
C ASP A 416 -29.53 0.97 4.67
N PRO A 417 -28.36 1.63 4.82
CA PRO A 417 -28.33 2.90 5.56
C PRO A 417 -29.20 3.95 4.87
N VAL A 418 -30.01 4.64 5.68
CA VAL A 418 -30.96 5.62 5.18
C VAL A 418 -30.33 6.76 4.37
N ALA A 419 -29.12 7.18 4.74
CA ALA A 419 -28.49 8.31 4.08
C ALA A 419 -27.57 7.93 2.93
N ASP A 420 -27.45 6.62 2.66
CA ASP A 420 -26.55 6.19 1.58
C ASP A 420 -26.95 4.85 0.96
N PRO A 421 -27.88 4.90 -0.02
CA PRO A 421 -28.33 3.72 -0.78
C PRO A 421 -27.17 3.01 -1.49
N ASN A 422 -26.09 3.72 -1.77
CA ASN A 422 -24.92 3.11 -2.35
C ASN A 422 -24.31 2.05 -1.44
N LYS A 423 -24.66 2.09 -0.16
CA LYS A 423 -24.10 1.15 0.82
C LYS A 423 -25.01 -0.03 1.14
N ARG A 424 -26.15 -0.12 0.45
CA ARG A 424 -27.04 -1.26 0.64
C ARG A 424 -26.32 -2.55 0.24
N SER A 425 -26.52 -3.62 1.00
CA SER A 425 -25.91 -4.90 0.66
C SER A 425 -26.96 -5.91 0.17
N LYS A 426 -26.49 -7.01 -0.42
CA LYS A 426 -27.38 -8.04 -0.98
C LYS A 426 -27.97 -8.96 0.08
N LYS A 427 -29.10 -9.60 -0.25
CA LYS A 427 -29.85 -10.42 0.71
C LYS A 427 -29.81 -11.89 0.34
N GLY A 428 -29.56 -12.73 1.34
CA GLY A 428 -29.71 -14.17 1.17
C GLY A 428 -28.55 -14.88 0.52
N ARG A 429 -28.79 -16.14 0.16
CA ARG A 429 -27.78 -16.95 -0.49
C ARG A 429 -27.64 -16.48 -1.93
N LEU A 430 -26.39 -16.35 -2.39
CA LEU A 430 -26.13 -15.71 -3.66
C LEU A 430 -25.57 -16.71 -4.66
N SER A 431 -25.77 -16.40 -5.94
CA SER A 431 -25.10 -17.13 -7.01
C SER A 431 -24.94 -16.21 -8.20
N LEU A 432 -23.95 -16.51 -9.05
CA LEU A 432 -23.62 -15.67 -10.20
C LEU A 432 -23.92 -16.47 -11.47
N HIS A 433 -24.58 -15.83 -12.44
CA HIS A 433 -25.02 -16.56 -13.64
C HIS A 433 -24.79 -15.76 -14.91
N ARG A 434 -24.76 -16.47 -16.04
CA ARG A 434 -24.80 -15.83 -17.35
C ARG A 434 -26.25 -15.52 -17.65
N THR A 435 -26.49 -14.34 -18.21
CA THR A 435 -27.84 -13.98 -18.65
C THR A 435 -28.06 -14.54 -20.05
N PRO A 436 -29.32 -14.54 -20.52
CA PRO A 436 -29.55 -15.03 -21.89
C PRO A 436 -28.73 -14.25 -22.94
N ALA A 437 -28.52 -12.96 -22.71
CA ALA A 437 -27.72 -12.14 -23.62
C ALA A 437 -26.23 -12.27 -23.36
N GLY A 438 -25.86 -13.15 -22.44
CA GLY A 438 -24.45 -13.44 -22.19
C GLY A 438 -23.75 -12.51 -21.21
N ASN A 439 -24.51 -11.73 -20.47
CA ASN A 439 -23.93 -10.87 -19.45
C ASN A 439 -23.91 -11.58 -18.11
N PHE A 440 -23.68 -10.82 -17.04
CA PHE A 440 -23.65 -11.43 -15.71
C PHE A 440 -24.81 -10.96 -14.86
N VAL A 441 -25.31 -11.86 -14.02
CA VAL A 441 -26.31 -11.47 -13.03
C VAL A 441 -26.07 -12.22 -11.72
N THR A 442 -26.27 -11.52 -10.62
CA THR A 442 -26.19 -12.13 -9.29
C THR A 442 -27.61 -12.33 -8.76
N LEU A 443 -27.96 -13.59 -8.51
CA LEU A 443 -29.28 -13.90 -7.97
C LEU A 443 -29.24 -13.90 -6.44
N GLU A 444 -30.22 -13.22 -5.86
CA GLU A 444 -30.29 -13.12 -4.40
C GLU A 444 -31.34 -14.08 -3.84
N GLU A 445 -31.33 -14.20 -2.50
CA GLU A 445 -32.38 -14.92 -1.78
C GLU A 445 -32.50 -16.38 -2.19
N GLY A 446 -31.37 -16.97 -2.58
CA GLY A 446 -31.35 -18.38 -2.94
C GLY A 446 -32.08 -18.70 -4.24
N LYS A 447 -32.47 -17.68 -5.00
CA LYS A 447 -33.18 -17.87 -6.27
C LYS A 447 -32.42 -18.67 -7.33
N GLY A 448 -31.09 -18.74 -7.19
CA GLY A 448 -30.31 -19.58 -8.09
C GLY A 448 -30.74 -21.03 -8.04
N ASP A 449 -31.37 -21.42 -6.92
CA ASP A 449 -31.86 -22.79 -6.74
C ASP A 449 -33.04 -23.12 -7.67
N LEU A 450 -33.73 -22.08 -8.14
CA LEU A 450 -34.82 -22.28 -9.09
C LEU A 450 -34.30 -22.77 -10.44
N GLU A 451 -32.99 -22.64 -10.66
CA GLU A 451 -32.34 -23.15 -11.88
C GLU A 451 -32.95 -22.62 -13.18
N GLU A 452 -33.27 -21.33 -13.19
CA GLU A 452 -33.82 -20.68 -14.38
C GLU A 452 -32.72 -19.99 -15.17
N TYR A 453 -31.52 -19.95 -14.60
CA TYR A 453 -30.43 -19.16 -15.17
C TYR A 453 -29.15 -19.96 -15.34
N GLY A 454 -29.27 -21.25 -15.59
CA GLY A 454 -28.09 -22.05 -15.82
C GLY A 454 -27.20 -22.20 -14.60
N GLN A 455 -25.97 -22.64 -14.83
CA GLN A 455 -25.11 -23.05 -13.75
C GLN A 455 -24.47 -21.86 -13.02
N ASP A 456 -24.37 -21.97 -11.71
CA ASP A 456 -23.66 -21.00 -10.88
C ASP A 456 -22.20 -20.94 -11.35
N LEU A 457 -21.69 -19.72 -11.56
CA LEU A 457 -20.30 -19.55 -12.00
C LEU A 457 -19.28 -19.58 -10.86
N LEU A 458 -19.76 -19.52 -9.62
CA LEU A 458 -18.89 -19.64 -8.46
C LEU A 458 -18.51 -21.09 -8.26
N HIS A 459 -17.23 -21.37 -8.04
CA HIS A 459 -16.78 -22.73 -7.73
C HIS A 459 -16.16 -22.82 -6.34
N THR A 460 -16.27 -23.98 -5.70
CA THR A 460 -15.60 -24.19 -4.42
C THR A 460 -14.09 -24.14 -4.62
N VAL A 461 -13.42 -23.17 -4.01
CA VAL A 461 -11.97 -23.06 -4.12
C VAL A 461 -11.28 -23.45 -2.80
N PHE A 462 -12.04 -23.42 -1.71
CA PHE A 462 -11.51 -23.74 -0.38
C PHE A 462 -12.60 -24.46 0.41
N LYS A 463 -12.23 -25.54 1.07
CA LYS A 463 -13.16 -26.23 1.95
C LYS A 463 -12.39 -27.00 3.02
N ASN A 464 -12.72 -26.73 4.28
CA ASN A 464 -12.15 -27.44 5.42
C ASN A 464 -10.62 -27.54 5.43
N GLY A 465 -9.96 -26.44 5.08
CA GLY A 465 -8.52 -26.36 5.20
C GLY A 465 -7.80 -26.74 3.93
N LYS A 466 -8.55 -27.13 2.91
CA LYS A 466 -7.94 -27.57 1.65
C LYS A 466 -8.31 -26.65 0.52
N VAL A 467 -7.32 -26.33 -0.32
CA VAL A 467 -7.58 -25.63 -1.57
C VAL A 467 -8.09 -26.65 -2.58
N THR A 468 -9.30 -26.45 -3.08
CA THR A 468 -10.00 -27.48 -3.83
C THR A 468 -9.99 -27.22 -5.32
N LYS A 469 -9.73 -25.98 -5.70
CA LYS A 469 -9.59 -25.64 -7.12
C LYS A 469 -8.58 -24.52 -7.28
N SER A 470 -7.69 -24.69 -8.26
CA SER A 470 -6.61 -23.75 -8.50
C SER A 470 -6.51 -23.39 -9.99
N TYR A 471 -5.90 -22.24 -10.26
CA TYR A 471 -5.73 -21.76 -11.64
C TYR A 471 -4.29 -21.41 -11.90
N SER A 472 -3.80 -21.71 -13.11
CA SER A 472 -2.46 -21.30 -13.47
C SER A 472 -2.48 -19.82 -13.85
N PHE A 473 -1.32 -19.18 -13.80
CA PHE A 473 -1.24 -17.79 -14.22
C PHE A 473 -1.59 -17.64 -15.72
N ASP A 474 -1.31 -18.69 -16.49
CA ASP A 474 -1.66 -18.73 -17.90
C ASP A 474 -3.17 -18.69 -18.14
N GLU A 475 -3.91 -19.47 -17.36
CA GLU A 475 -5.37 -19.43 -17.42
C GLU A 475 -5.90 -18.05 -17.07
N ILE A 476 -5.37 -17.49 -15.99
CA ILE A 476 -5.79 -16.17 -15.54
C ILE A 476 -5.58 -15.11 -16.64
N ARG A 477 -4.41 -15.12 -17.26
CA ARG A 477 -4.13 -14.19 -18.35
C ARG A 477 -5.15 -14.35 -19.49
N LYS A 478 -5.53 -15.60 -19.75
CA LYS A 478 -6.47 -15.88 -20.84
C LYS A 478 -7.82 -15.29 -20.48
N ASN A 479 -8.22 -15.49 -19.23
CA ASN A 479 -9.51 -14.99 -18.77
C ASN A 479 -9.58 -13.47 -18.83
N ALA A 480 -8.45 -12.81 -18.61
CA ALA A 480 -8.47 -11.36 -18.46
C ALA A 480 -8.19 -10.61 -19.76
N GLN A 481 -8.11 -11.32 -20.88
CA GLN A 481 -7.85 -10.67 -22.17
C GLN A 481 -8.84 -9.57 -22.52
N LEU A 482 -8.41 -8.60 -23.31
CA LEU A 482 -9.31 -7.56 -23.80
C LEU A 482 -10.14 -8.15 -24.93
N ASN A 483 -11.37 -7.65 -25.09
CA ASN A 483 -12.18 -7.99 -26.25
C ASN A 483 -11.44 -7.74 -27.55
N ILE A 484 -10.80 -6.58 -27.65
CA ILE A 484 -10.05 -6.17 -28.83
C ILE A 484 -8.93 -7.14 -29.18
N GLU A 485 -8.36 -7.81 -28.17
CA GLU A 485 -7.37 -8.85 -28.40
C GLU A 485 -8.08 -10.09 -28.94
N LEU A 486 -9.22 -10.40 -28.33
CA LEU A 486 -10.06 -11.52 -28.77
C LEU A 486 -10.47 -11.37 -30.24
N GLU A 487 -10.83 -10.15 -30.63
CA GLU A 487 -11.20 -9.86 -32.01
C GLU A 487 -9.97 -9.67 -32.89
N GLU B 8 11.95 -18.00 1.36
CA GLU B 8 12.82 -17.12 2.13
C GLU B 8 13.23 -15.88 1.33
N PHE B 9 13.36 -14.75 2.02
CA PHE B 9 13.78 -13.49 1.42
C PHE B 9 15.18 -13.58 0.83
N ASN B 10 15.34 -12.99 -0.35
CA ASN B 10 16.63 -12.97 -1.05
C ASN B 10 16.97 -11.57 -1.54
N ILE B 11 17.94 -10.94 -0.88
CA ILE B 11 18.26 -9.55 -1.14
C ILE B 11 18.74 -9.32 -2.59
N LEU B 12 19.25 -10.38 -3.22
CA LEU B 12 19.65 -10.28 -4.62
C LEU B 12 18.45 -10.15 -5.54
N LEU B 13 17.27 -10.54 -5.05
CA LEU B 13 16.04 -10.45 -5.82
C LEU B 13 15.11 -9.38 -5.28
N ALA B 14 15.65 -8.47 -4.47
CA ALA B 14 14.84 -7.44 -3.85
C ALA B 14 15.27 -6.03 -4.26
N THR B 15 15.49 -5.86 -5.54
CA THR B 15 15.83 -4.55 -6.08
C THR B 15 15.11 -4.37 -7.41
N ASP B 16 15.04 -3.14 -7.90
CA ASP B 16 14.53 -2.91 -9.25
C ASP B 16 15.44 -3.65 -10.23
N SER B 17 14.83 -4.36 -11.17
CA SER B 17 15.56 -5.12 -12.19
C SER B 17 16.75 -4.38 -12.79
N TYR B 18 16.55 -3.13 -13.20
CA TYR B 18 17.62 -2.43 -13.92
C TYR B 18 18.90 -2.23 -13.11
N LYS B 19 18.78 -2.22 -11.78
CA LYS B 19 19.96 -2.09 -10.94
C LYS B 19 20.92 -3.28 -11.07
N VAL B 20 20.40 -4.41 -11.54
CA VAL B 20 21.22 -5.58 -11.82
C VAL B 20 22.28 -5.22 -12.86
N THR B 21 21.96 -4.26 -13.72
CA THR B 21 22.85 -3.91 -14.81
C THR B 21 23.72 -2.67 -14.53
N HIS B 22 23.58 -2.06 -13.37
CA HIS B 22 24.28 -0.80 -13.10
C HIS B 22 25.79 -0.89 -12.86
N TYR B 23 26.27 -2.02 -12.36
CA TYR B 23 27.69 -2.18 -12.08
C TYR B 23 28.52 -2.04 -13.36
N LYS B 24 27.86 -2.17 -14.50
CA LYS B 24 28.51 -2.03 -15.80
C LYS B 24 28.46 -0.60 -16.35
N GLN B 25 27.83 0.31 -15.61
CA GLN B 25 27.53 1.64 -16.15
C GLN B 25 28.26 2.78 -15.47
N TYR B 26 28.71 2.55 -14.23
CA TYR B 26 29.47 3.57 -13.48
C TYR B 26 30.81 3.81 -14.16
N PRO B 27 31.43 4.97 -13.92
CA PRO B 27 32.75 5.18 -14.52
C PRO B 27 33.73 4.12 -14.02
N PRO B 28 34.60 3.62 -14.91
CA PRO B 28 35.66 2.67 -14.54
C PRO B 28 36.47 3.17 -13.36
N ASN B 29 36.88 2.26 -12.49
CA ASN B 29 37.71 2.59 -11.34
C ASN B 29 37.00 3.46 -10.32
N THR B 30 35.69 3.26 -10.19
CA THR B 30 34.91 3.87 -9.12
C THR B 30 35.01 3.00 -7.87
N SER B 31 35.43 3.60 -6.76
CA SER B 31 35.68 2.85 -5.53
C SER B 31 34.68 3.22 -4.44
N LYS B 32 33.92 4.28 -4.68
CA LYS B 32 33.00 4.76 -3.66
C LYS B 32 31.76 5.38 -4.30
N VAL B 33 30.58 4.91 -3.89
CA VAL B 33 29.32 5.55 -4.23
C VAL B 33 28.62 5.88 -2.91
N TYR B 34 28.24 7.14 -2.77
CA TYR B 34 27.69 7.69 -1.53
C TYR B 34 26.37 8.31 -1.87
N SER B 35 25.31 7.89 -1.16
CA SER B 35 23.96 8.36 -1.47
C SER B 35 23.21 8.77 -0.22
N TYR B 36 22.14 9.54 -0.39
CA TYR B 36 21.39 10.06 0.75
C TYR B 36 19.89 10.02 0.48
N PHE B 37 19.12 10.07 1.55
CA PHE B 37 17.68 10.04 1.47
C PHE B 37 17.17 11.33 2.09
N GLU B 38 16.21 11.97 1.42
CA GLU B 38 15.54 13.15 1.99
C GLU B 38 14.05 13.11 1.66
N CYS B 39 13.27 13.86 2.42
CA CYS B 39 11.92 14.20 2.01
C CYS B 39 12.02 15.57 1.34
N ARG B 40 12.24 15.54 0.02
CA ARG B 40 12.63 16.71 -0.77
C ARG B 40 11.62 17.84 -0.64
N GLU B 41 12.13 19.06 -0.52
CA GLU B 41 11.28 20.23 -0.35
C GLU B 41 10.43 20.49 -1.59
N LYS B 42 9.29 21.14 -1.39
CA LYS B 42 8.31 21.43 -2.44
C LYS B 42 7.76 20.16 -3.08
N VAL B 52 2.52 24.14 1.40
CA VAL B 52 2.50 24.65 2.77
C VAL B 52 2.04 23.58 3.76
N LYS B 53 1.71 22.41 3.25
CA LYS B 53 1.30 21.28 4.08
C LYS B 53 2.49 20.33 4.24
N TYR B 54 2.57 19.65 5.38
CA TYR B 54 3.66 18.71 5.66
C TYR B 54 5.07 19.34 5.61
N GLU B 55 5.27 20.36 6.42
CA GLU B 55 6.55 21.07 6.46
C GLU B 55 7.63 20.31 7.21
N GLU B 56 7.23 19.32 8.00
CA GLU B 56 8.18 18.55 8.79
C GLU B 56 7.74 17.10 8.78
N THR B 57 8.70 16.19 8.86
CA THR B 57 8.36 14.78 8.78
C THR B 57 8.90 14.05 10.01
N VAL B 58 8.24 12.95 10.37
CA VAL B 58 8.70 12.08 11.45
C VAL B 58 9.56 11.00 10.81
N PHE B 59 10.82 10.89 11.22
CA PHE B 59 11.65 9.80 10.71
C PHE B 59 11.41 8.53 11.48
N TYR B 60 10.80 7.55 10.84
CA TYR B 60 10.47 6.31 11.52
C TYR B 60 10.47 5.18 10.52
N GLY B 61 11.05 4.04 10.90
CA GLY B 61 10.89 2.83 10.10
C GLY B 61 12.15 2.20 9.55
N LEU B 62 13.25 2.94 9.55
CA LEU B 62 14.50 2.41 8.99
C LEU B 62 14.97 1.19 9.80
N GLN B 63 14.81 1.27 11.12
CA GLN B 63 15.28 0.21 12.00
C GLN B 63 14.66 -1.16 11.66
N TYR B 64 13.38 -1.16 11.29
CA TYR B 64 12.68 -2.36 10.87
C TYR B 64 13.36 -2.99 9.67
N ILE B 65 13.66 -2.15 8.69
CA ILE B 65 14.27 -2.59 7.43
C ILE B 65 15.68 -3.15 7.66
N LEU B 66 16.49 -2.44 8.44
CA LEU B 66 17.84 -2.88 8.76
C LEU B 66 17.85 -4.28 9.38
N ASN B 67 16.96 -4.48 10.34
CA ASN B 67 16.91 -5.73 11.07
C ASN B 67 16.29 -6.87 10.28
N LYS B 68 15.22 -6.59 9.55
CA LYS B 68 14.49 -7.68 8.91
C LYS B 68 15.21 -8.13 7.64
N TYR B 69 15.81 -7.18 6.94
CA TYR B 69 16.28 -7.42 5.58
C TYR B 69 17.79 -7.28 5.34
N LEU B 70 18.45 -6.40 6.08
CA LEU B 70 19.83 -6.05 5.74
C LEU B 70 20.96 -6.63 6.61
N LYS B 71 20.66 -6.98 7.86
CA LYS B 71 21.72 -7.37 8.78
C LYS B 71 22.10 -8.85 8.70
N GLY B 72 23.32 -9.17 9.11
CA GLY B 72 23.74 -10.56 9.18
C GLY B 72 24.11 -11.15 7.83
N LYS B 73 24.14 -12.47 7.74
CA LYS B 73 24.49 -13.12 6.49
C LYS B 73 23.31 -13.07 5.54
N VAL B 74 23.35 -12.16 4.59
CA VAL B 74 22.22 -12.03 3.67
C VAL B 74 22.55 -12.61 2.31
N VAL B 75 23.78 -13.10 2.15
CA VAL B 75 24.20 -13.69 0.88
C VAL B 75 24.61 -15.14 1.11
N THR B 76 24.10 -16.06 0.30
CA THR B 76 24.54 -17.46 0.32
C THR B 76 24.80 -17.93 -1.09
N LYS B 77 25.40 -19.11 -1.23
CA LYS B 77 25.66 -19.69 -2.54
C LYS B 77 24.34 -19.95 -3.25
N GLU B 78 23.35 -20.40 -2.48
CA GLU B 78 22.03 -20.74 -3.02
C GLU B 78 21.32 -19.49 -3.52
N LYS B 79 21.42 -18.41 -2.75
CA LYS B 79 20.80 -17.15 -3.14
C LYS B 79 21.45 -16.58 -4.39
N ILE B 80 22.75 -16.74 -4.51
CA ILE B 80 23.44 -16.27 -5.71
C ILE B 80 22.99 -17.11 -6.91
N GLN B 81 22.97 -18.43 -6.74
CA GLN B 81 22.54 -19.31 -7.82
C GLN B 81 21.10 -19.02 -8.26
N GLU B 82 20.22 -18.85 -7.27
CA GLU B 82 18.81 -18.52 -7.52
C GLU B 82 18.66 -17.24 -8.34
N ALA B 83 19.37 -16.19 -7.92
CA ALA B 83 19.30 -14.90 -8.60
C ALA B 83 19.83 -15.02 -10.02
N LYS B 84 20.94 -15.73 -10.18
CA LYS B 84 21.53 -15.96 -11.50
C LYS B 84 20.51 -16.58 -12.44
N ASP B 85 19.81 -17.61 -11.97
CA ASP B 85 18.87 -18.35 -12.80
C ASP B 85 17.66 -17.50 -13.15
N VAL B 86 17.17 -16.72 -12.19
CA VAL B 86 16.03 -15.85 -12.43
C VAL B 86 16.36 -14.74 -13.45
N TYR B 87 17.48 -14.06 -13.25
CA TYR B 87 17.84 -12.94 -14.11
C TYR B 87 18.19 -13.38 -15.54
N LYS B 88 18.69 -14.59 -15.67
CA LYS B 88 18.97 -15.11 -17.02
C LYS B 88 17.70 -15.13 -17.87
N GLU B 89 16.59 -15.57 -17.27
CA GLU B 89 15.32 -15.62 -18.00
C GLU B 89 14.66 -14.26 -18.06
N HIS B 90 14.77 -13.50 -16.97
CA HIS B 90 14.12 -12.19 -16.84
C HIS B 90 14.65 -11.17 -17.85
N PHE B 91 15.97 -11.17 -18.05
CA PHE B 91 16.59 -10.29 -19.06
C PHE B 91 16.79 -11.00 -20.40
N GLN B 92 16.54 -12.30 -20.42
CA GLN B 92 16.83 -13.11 -21.60
C GLN B 92 18.30 -12.94 -21.99
N ASP B 93 19.17 -12.92 -20.99
CA ASP B 93 20.59 -12.63 -21.19
C ASP B 93 21.32 -12.76 -19.87
N ASP B 94 22.64 -12.88 -19.93
CA ASP B 94 23.46 -12.99 -18.73
C ASP B 94 24.10 -11.64 -18.40
N VAL B 95 23.54 -10.94 -17.42
CA VAL B 95 24.02 -9.61 -17.05
C VAL B 95 24.28 -9.54 -15.54
N PHE B 96 23.83 -10.56 -14.82
CA PHE B 96 23.98 -10.60 -13.36
C PHE B 96 25.45 -10.58 -12.86
N ASN B 97 25.74 -9.70 -11.89
CA ASN B 97 27.09 -9.58 -11.31
C ASN B 97 27.40 -10.71 -10.31
N GLU B 98 27.54 -11.92 -10.83
CA GLU B 98 27.79 -13.10 -9.98
C GLU B 98 29.07 -12.94 -9.18
N LYS B 99 30.12 -12.43 -9.82
CA LYS B 99 31.42 -12.26 -9.17
C LYS B 99 31.37 -11.29 -8.00
N GLY B 100 30.66 -10.17 -8.17
CA GLY B 100 30.54 -9.18 -7.12
C GLY B 100 29.91 -9.75 -5.86
N TRP B 101 28.79 -10.44 -6.04
CA TRP B 101 28.07 -11.07 -4.92
C TRP B 101 28.87 -12.20 -4.29
N ASN B 102 29.62 -12.94 -5.12
CA ASN B 102 30.51 -13.96 -4.60
C ASN B 102 31.62 -13.39 -3.72
N TYR B 103 32.13 -12.22 -4.12
CA TYR B 103 33.12 -11.50 -3.33
C TYR B 103 32.61 -11.22 -1.92
N ILE B 104 31.40 -10.66 -1.82
CA ILE B 104 30.79 -10.39 -0.52
C ILE B 104 30.60 -11.67 0.30
N LEU B 105 30.20 -12.74 -0.38
CA LEU B 105 30.07 -14.03 0.27
C LEU B 105 31.41 -14.52 0.83
N GLU B 106 32.44 -14.51 0.00
CA GLU B 106 33.73 -15.06 0.40
C GLU B 106 34.49 -14.18 1.38
N LYS B 107 34.46 -12.88 1.13
CA LYS B 107 35.25 -11.94 1.92
C LYS B 107 34.61 -11.57 3.27
N TYR B 108 33.29 -11.44 3.29
CA TYR B 108 32.61 -10.93 4.47
C TYR B 108 31.56 -11.87 5.05
N ASP B 109 31.66 -13.16 4.71
CA ASP B 109 30.69 -14.16 5.09
C ASP B 109 29.26 -13.70 4.80
N GLY B 110 29.08 -13.07 3.64
CA GLY B 110 27.77 -12.63 3.20
C GLY B 110 27.20 -11.44 3.93
N HIS B 111 28.02 -10.74 4.71
CA HIS B 111 27.60 -9.50 5.36
C HIS B 111 27.87 -8.31 4.45
N LEU B 112 26.92 -7.40 4.35
CA LEU B 112 27.05 -6.26 3.46
C LEU B 112 28.08 -5.22 3.93
N PRO B 113 29.09 -4.94 3.10
CA PRO B 113 30.07 -3.90 3.38
C PRO B 113 29.51 -2.50 3.08
N ILE B 114 28.62 -2.05 3.96
CA ILE B 114 27.87 -0.82 3.78
C ILE B 114 27.85 -0.12 5.14
N GLU B 115 27.94 1.21 5.14
CA GLU B 115 27.72 2.01 6.34
C GLU B 115 26.56 2.97 6.11
N ILE B 116 25.64 2.97 7.07
CA ILE B 116 24.47 3.83 6.99
C ILE B 116 24.43 4.73 8.22
N LYS B 117 24.29 6.04 7.98
CA LYS B 117 24.14 7.01 9.06
C LYS B 117 22.75 7.59 8.99
N ALA B 118 22.09 7.80 10.14
CA ALA B 118 20.70 8.26 10.12
C ALA B 118 20.38 9.18 11.29
N VAL B 119 19.35 10.01 11.12
CA VAL B 119 18.79 10.77 12.24
C VAL B 119 18.09 9.79 13.18
N PRO B 120 18.01 10.11 14.49
CA PRO B 120 17.35 9.16 15.40
C PRO B 120 15.88 8.97 15.03
N GLU B 121 15.34 7.77 15.22
CA GLU B 121 13.95 7.52 14.89
C GLU B 121 13.02 8.30 15.82
N GLY B 122 11.91 8.76 15.25
CA GLY B 122 10.98 9.59 15.99
C GLY B 122 11.28 11.08 15.86
N PHE B 123 12.49 11.42 15.39
CA PHE B 123 12.86 12.81 15.19
C PHE B 123 11.95 13.51 14.19
N VAL B 124 11.59 14.75 14.52
CA VAL B 124 10.75 15.57 13.66
C VAL B 124 11.64 16.59 12.94
N ILE B 125 11.78 16.42 11.63
CA ILE B 125 12.77 17.19 10.84
C ILE B 125 12.08 17.91 9.71
N PRO B 126 12.41 19.19 9.50
CA PRO B 126 11.84 19.94 8.37
C PRO B 126 12.21 19.33 7.03
N ARG B 127 11.33 19.49 6.03
CA ARG B 127 11.57 19.01 4.67
C ARG B 127 12.91 19.50 4.11
N GLY B 128 13.52 18.68 3.25
CA GLY B 128 14.73 19.06 2.54
C GLY B 128 16.01 18.88 3.31
N ASN B 129 15.97 18.04 4.34
CA ASN B 129 17.16 17.72 5.13
C ASN B 129 17.59 16.27 4.93
N VAL B 130 18.89 16.02 5.00
CA VAL B 130 19.38 14.63 4.95
C VAL B 130 18.83 13.87 6.15
N LEU B 131 18.24 12.71 5.90
CA LEU B 131 17.69 11.85 6.94
C LEU B 131 18.55 10.61 7.15
N PHE B 132 19.07 10.07 6.05
CA PHE B 132 20.09 9.04 6.16
C PHE B 132 21.03 9.01 4.95
N THR B 133 22.22 8.45 5.13
CA THR B 133 23.20 8.32 4.05
C THR B 133 23.68 6.89 3.97
N VAL B 134 24.12 6.49 2.78
CA VAL B 134 24.58 5.13 2.55
C VAL B 134 25.84 5.19 1.71
N GLU B 135 26.88 4.44 2.10
CA GLU B 135 28.08 4.33 1.28
C GLU B 135 28.73 2.97 1.46
N ASN B 136 29.41 2.49 0.43
CA ASN B 136 30.11 1.22 0.53
C ASN B 136 31.38 1.38 1.35
N THR B 137 31.74 0.35 2.12
CA THR B 137 32.97 0.38 2.90
C THR B 137 34.11 -0.46 2.30
N ASP B 138 33.83 -1.10 1.17
CA ASP B 138 34.86 -1.82 0.40
C ASP B 138 34.81 -1.29 -1.04
N PRO B 139 35.97 -0.89 -1.59
CA PRO B 139 36.06 -0.35 -2.95
C PRO B 139 35.49 -1.28 -4.01
N GLU B 140 35.57 -2.59 -3.78
CA GLU B 140 35.02 -3.57 -4.71
C GLU B 140 33.51 -3.50 -4.75
N CYS B 141 32.90 -2.90 -3.74
CA CYS B 141 31.45 -2.92 -3.64
C CYS B 141 30.81 -1.56 -3.90
N TYR B 142 31.42 -0.77 -4.79
CA TYR B 142 30.88 0.52 -5.22
C TYR B 142 29.44 0.40 -5.72
N TRP B 143 29.11 -0.74 -6.32
CA TRP B 143 27.81 -0.98 -6.93
C TRP B 143 26.71 -1.28 -5.90
N LEU B 144 27.12 -1.61 -4.68
CA LEU B 144 26.18 -2.09 -3.65
C LEU B 144 25.32 -0.96 -3.05
N THR B 145 25.87 0.24 -2.95
CA THR B 145 25.15 1.38 -2.37
C THR B 145 23.78 1.57 -3.00
N ASN B 146 23.73 1.65 -4.32
CA ASN B 146 22.46 1.87 -4.97
C ASN B 146 21.65 0.60 -5.27
N TRP B 147 22.28 -0.57 -5.18
CA TRP B 147 21.52 -1.84 -5.24
C TRP B 147 20.40 -1.84 -4.21
N ILE B 148 20.74 -1.39 -3.00
CA ILE B 148 19.80 -1.43 -1.89
C ILE B 148 18.94 -0.18 -1.80
N GLU B 149 18.99 0.68 -2.82
CA GLU B 149 18.12 1.84 -2.86
C GLU B 149 16.66 1.45 -2.73
N THR B 150 16.25 0.46 -3.51
CA THR B 150 14.84 0.09 -3.59
C THR B 150 14.27 -0.30 -2.22
N ILE B 151 14.99 -1.15 -1.49
CA ILE B 151 14.51 -1.59 -0.17
C ILE B 151 14.52 -0.44 0.86
N LEU B 152 15.54 0.41 0.82
CA LEU B 152 15.64 1.48 1.80
C LEU B 152 14.59 2.55 1.54
N VAL B 153 14.29 2.80 0.26
CA VAL B 153 13.34 3.84 -0.12
C VAL B 153 11.93 3.54 0.38
N GLN B 154 11.62 2.26 0.53
CA GLN B 154 10.33 1.86 1.10
C GLN B 154 10.15 2.40 2.52
N SER B 155 11.20 2.96 3.12
CA SER B 155 11.03 3.65 4.40
C SER B 155 10.07 4.84 4.24
N TRP B 156 9.80 5.25 3.00
CA TRP B 156 8.86 6.35 2.75
C TRP B 156 7.53 6.08 3.45
N TYR B 157 7.12 4.82 3.47
CA TYR B 157 5.80 4.47 3.95
C TYR B 157 5.62 4.70 5.46
N PRO B 158 6.47 4.07 6.29
CA PRO B 158 6.31 4.39 7.72
C PRO B 158 6.59 5.86 8.04
N ILE B 159 7.48 6.49 7.29
CA ILE B 159 7.71 7.93 7.50
C ILE B 159 6.42 8.71 7.24
N THR B 160 5.76 8.36 6.17
CA THR B 160 4.58 9.11 5.74
C THR B 160 3.36 8.81 6.60
N VAL B 161 3.16 7.55 6.97
CA VAL B 161 2.06 7.25 7.89
C VAL B 161 2.26 7.99 9.21
N ALA B 162 3.47 7.90 9.76
CA ALA B 162 3.77 8.55 11.04
C ALA B 162 3.56 10.07 10.98
N THR B 163 4.03 10.67 9.91
CA THR B 163 3.92 12.11 9.70
C THR B 163 2.45 12.56 9.54
N ASN B 164 1.72 11.90 8.66
CA ASN B 164 0.31 12.24 8.44
C ASN B 164 -0.50 12.00 9.71
N SER B 165 -0.19 10.92 10.44
CA SER B 165 -0.85 10.64 11.71
C SER B 165 -0.57 11.76 12.71
N ARG B 166 0.69 12.20 12.77
CA ARG B 166 1.07 13.26 13.69
C ARG B 166 0.37 14.59 13.33
N GLU B 167 0.27 14.87 12.04
CA GLU B 167 -0.44 16.08 11.61
C GLU B 167 -1.91 16.06 12.05
N GLN B 168 -2.51 14.88 12.03
CA GLN B 168 -3.89 14.78 12.51
C GLN B 168 -3.95 14.98 14.03
N LYS B 169 -2.96 14.47 14.74
CA LYS B 169 -2.90 14.67 16.18
C LYS B 169 -2.85 16.16 16.52
N LYS B 170 -2.17 16.94 15.67
CA LYS B 170 -2.01 18.38 15.88
C LYS B 170 -3.36 19.08 15.80
N ILE B 171 -4.16 18.68 14.81
CA ILE B 171 -5.51 19.22 14.64
C ILE B 171 -6.37 18.88 15.84
N LEU B 172 -6.32 17.62 16.25
CA LEU B 172 -7.13 17.18 17.38
C LEU B 172 -6.72 17.90 18.65
N ALA B 173 -5.40 18.02 18.87
CA ALA B 173 -4.90 18.72 20.06
C ALA B 173 -5.41 20.15 20.10
N LYS B 174 -5.31 20.86 18.98
CA LYS B 174 -5.76 22.24 18.90
C LYS B 174 -7.22 22.41 19.32
N TYR B 175 -8.10 21.61 18.74
CA TYR B 175 -9.53 21.73 18.97
C TYR B 175 -9.97 21.14 20.33
N LEU B 176 -9.32 20.08 20.76
CA LEU B 176 -9.60 19.54 22.09
C LEU B 176 -9.20 20.56 23.15
N LEU B 177 -8.03 21.18 22.97
CA LEU B 177 -7.58 22.19 23.91
C LEU B 177 -8.51 23.39 23.92
N GLU B 178 -8.93 23.84 22.74
CA GLU B 178 -9.81 25.00 22.65
C GLU B 178 -11.20 24.74 23.23
N THR B 179 -11.74 23.54 23.04
CA THR B 179 -13.10 23.27 23.48
C THR B 179 -13.23 22.71 24.89
N SER B 180 -12.11 22.30 25.50
CA SER B 180 -12.16 21.64 26.82
C SER B 180 -11.11 22.13 27.81
N GLY B 181 -10.07 22.81 27.32
CA GLY B 181 -9.06 23.37 28.20
C GLY B 181 -7.91 22.45 28.56
N ASN B 182 -7.93 21.22 28.05
CA ASN B 182 -6.80 20.32 28.24
C ASN B 182 -6.67 19.30 27.12
N LEU B 183 -5.73 18.37 27.26
CA LEU B 183 -5.45 17.37 26.23
C LEU B 183 -5.70 15.95 26.74
N ASP B 184 -6.49 15.83 27.80
CA ASP B 184 -6.82 14.52 28.36
C ASP B 184 -7.40 13.56 27.32
N GLY B 185 -6.74 12.42 27.14
CA GLY B 185 -7.24 11.38 26.27
C GLY B 185 -6.95 11.59 24.79
N LEU B 186 -6.10 12.57 24.46
CA LEU B 186 -5.77 12.85 23.06
C LEU B 186 -5.22 11.63 22.33
N GLU B 187 -4.45 10.82 23.05
CA GLU B 187 -3.75 9.71 22.42
C GLU B 187 -4.69 8.57 22.04
N TYR B 188 -5.99 8.74 22.34
CA TYR B 188 -7.01 7.76 21.94
C TYR B 188 -8.05 8.32 20.96
N LYS B 189 -7.81 9.53 20.46
CA LYS B 189 -8.82 10.23 19.66
C LYS B 189 -8.86 9.86 18.18
N LEU B 190 -7.81 9.20 17.71
CA LEU B 190 -7.74 8.75 16.32
C LEU B 190 -7.35 7.28 16.30
N HIS B 191 -8.32 6.44 16.00
CA HIS B 191 -8.16 4.98 16.09
C HIS B 191 -7.90 4.37 14.70
N ASP B 192 -6.94 3.46 14.63
CA ASP B 192 -6.57 2.80 13.35
C ASP B 192 -7.57 1.71 12.97
N PHE B 193 -8.33 1.94 11.88
CA PHE B 193 -9.28 0.97 11.33
C PHE B 193 -8.77 0.35 10.04
N GLY B 194 -7.48 0.46 9.76
CA GLY B 194 -6.98 0.27 8.39
C GLY B 194 -6.61 -1.12 7.92
N TYR B 195 -6.77 -2.11 8.78
CA TYR B 195 -6.27 -3.45 8.51
C TYR B 195 -6.78 -4.04 7.19
N ARG B 196 -8.08 -3.99 6.96
CA ARG B 196 -8.66 -4.61 5.77
C ARG B 196 -8.35 -3.76 4.55
N GLY B 197 -8.01 -2.50 4.78
CA GLY B 197 -7.90 -1.51 3.72
C GLY B 197 -6.50 -1.25 3.19
N VAL B 198 -5.52 -2.02 3.66
CA VAL B 198 -4.17 -1.91 3.12
C VAL B 198 -3.87 -3.03 2.13
N SER B 199 -2.71 -2.93 1.50
CA SER B 199 -2.37 -3.78 0.37
C SER B 199 -1.80 -5.16 0.75
N SER B 200 -1.41 -5.36 2.00
CA SER B 200 -0.86 -6.64 2.45
C SER B 200 -0.78 -6.73 3.97
N GLN B 201 -0.53 -7.94 4.48
CA GLN B 201 -0.29 -8.18 5.90
C GLN B 201 0.96 -7.42 6.35
N GLU B 202 2.01 -7.44 5.53
CA GLU B 202 3.23 -6.77 5.95
C GLU B 202 3.03 -5.26 6.07
N THR B 203 2.34 -4.68 5.10
CA THR B 203 2.04 -3.25 5.13
C THR B 203 1.16 -2.91 6.35
N ALA B 204 0.26 -3.83 6.71
CA ALA B 204 -0.61 -3.58 7.86
C ALA B 204 0.21 -3.38 9.14
N GLY B 205 1.16 -4.28 9.38
CA GLY B 205 2.02 -4.19 10.55
C GLY B 205 2.84 -2.92 10.54
N ILE B 206 3.46 -2.62 9.41
CA ILE B 206 4.31 -1.42 9.30
C ILE B 206 3.52 -0.14 9.51
N GLY B 207 2.40 -0.03 8.80
CA GLY B 207 1.59 1.17 8.87
C GLY B 207 0.98 1.36 10.25
N ALA B 208 0.47 0.28 10.83
CA ALA B 208 -0.13 0.36 12.15
C ALA B 208 0.91 0.79 13.17
N SER B 209 2.13 0.26 13.04
CA SER B 209 3.18 0.61 13.97
C SER B 209 3.48 2.10 13.86
N ALA B 210 3.40 2.62 12.64
CA ALA B 210 3.74 4.03 12.40
C ALA B 210 2.70 4.95 13.02
N HIS B 211 1.44 4.56 12.96
CA HIS B 211 0.38 5.34 13.57
C HIS B 211 0.55 5.33 15.10
N LEU B 212 1.05 4.23 15.65
CA LEU B 212 1.22 4.09 17.10
C LEU B 212 2.37 4.93 17.63
N VAL B 213 3.16 5.52 16.74
CA VAL B 213 4.14 6.51 17.15
C VAL B 213 3.43 7.68 17.84
N ASN B 214 2.22 7.97 17.39
CA ASN B 214 1.48 9.16 17.86
C ASN B 214 0.27 8.86 18.76
N PHE B 215 -0.35 7.71 18.55
CA PHE B 215 -1.60 7.35 19.24
C PHE B 215 -1.48 5.95 19.86
N LYS B 216 -2.46 5.58 20.66
CA LYS B 216 -2.46 4.30 21.35
C LYS B 216 -3.62 3.39 20.93
N GLY B 217 -4.50 3.90 20.06
CA GLY B 217 -5.68 3.14 19.68
C GLY B 217 -5.53 2.48 18.32
N THR B 218 -5.70 1.16 18.27
CA THR B 218 -5.57 0.44 17.00
C THR B 218 -6.37 -0.86 17.01
N ASP B 219 -6.91 -1.22 15.85
CA ASP B 219 -7.51 -2.54 15.65
C ASP B 219 -6.65 -3.36 14.68
N THR B 220 -5.54 -2.77 14.24
CA THR B 220 -4.66 -3.47 13.31
C THR B 220 -3.62 -4.24 14.12
N VAL B 221 -4.03 -5.40 14.60
CA VAL B 221 -3.26 -6.24 15.52
C VAL B 221 -1.81 -6.51 15.07
N ALA B 222 -1.61 -6.60 13.75
CA ALA B 222 -0.29 -6.85 13.17
C ALA B 222 0.79 -5.86 13.64
N GLY B 223 0.37 -4.67 14.05
CA GLY B 223 1.33 -3.67 14.48
C GLY B 223 1.98 -3.99 15.82
N LEU B 224 1.26 -4.72 16.66
CA LEU B 224 1.78 -5.01 18.00
C LEU B 224 3.05 -5.86 17.94
N ALA B 225 3.00 -6.96 17.18
CA ALA B 225 4.12 -7.90 17.11
C ALA B 225 5.34 -7.28 16.44
N LEU B 226 5.10 -6.40 15.47
CA LEU B 226 6.18 -5.71 14.80
C LEU B 226 6.96 -4.87 15.83
N ILE B 227 6.24 -4.05 16.57
CA ILE B 227 6.86 -3.18 17.55
C ILE B 227 7.61 -4.00 18.60
N LYS B 228 7.00 -5.08 19.07
CA LYS B 228 7.61 -5.92 20.10
C LYS B 228 8.93 -6.54 19.62
N LYS B 229 8.95 -6.98 18.36
CA LYS B 229 10.13 -7.64 17.81
C LYS B 229 11.24 -6.67 17.41
N TYR B 230 10.86 -5.53 16.84
CA TYR B 230 11.83 -4.62 16.23
C TYR B 230 12.17 -3.38 17.06
N TYR B 231 11.29 -2.98 17.97
CA TYR B 231 11.50 -1.74 18.71
C TYR B 231 11.46 -1.90 20.22
N GLY B 232 10.35 -2.44 20.73
CA GLY B 232 10.21 -2.70 22.15
C GLY B 232 9.57 -1.57 22.94
N THR B 233 8.73 -1.92 23.90
CA THR B 233 8.13 -0.93 24.80
C THR B 233 8.25 -1.43 26.24
N LYS B 234 8.22 -0.49 27.18
CA LYS B 234 8.17 -0.85 28.59
C LYS B 234 6.85 -1.57 28.86
N ASP B 235 5.76 -0.98 28.38
CA ASP B 235 4.44 -1.60 28.49
C ASP B 235 4.35 -2.93 27.75
N PRO B 236 3.45 -3.83 28.21
CA PRO B 236 3.26 -5.12 27.55
C PRO B 236 2.85 -4.99 26.08
N VAL B 237 1.96 -4.05 25.77
CA VAL B 237 1.61 -3.76 24.37
C VAL B 237 1.63 -2.25 24.09
N PRO B 238 1.96 -1.88 22.83
CA PRO B 238 1.99 -0.47 22.44
C PRO B 238 0.61 0.10 22.11
N GLY B 239 -0.38 -0.75 21.87
CA GLY B 239 -1.69 -0.27 21.44
C GLY B 239 -2.88 -1.04 21.98
N TYR B 240 -4.03 -0.37 22.03
CA TYR B 240 -5.21 -0.92 22.70
C TYR B 240 -6.47 -0.78 21.87
N SER B 241 -7.44 -1.64 22.16
CA SER B 241 -8.73 -1.58 21.50
C SER B 241 -9.86 -1.80 22.51
N VAL B 242 -11.10 -1.74 22.04
CA VAL B 242 -12.26 -2.00 22.88
C VAL B 242 -13.26 -2.81 22.05
N PRO B 243 -14.16 -3.52 22.74
CA PRO B 243 -15.23 -4.26 22.06
C PRO B 243 -16.07 -3.30 21.21
N ALA B 244 -16.50 -3.79 20.07
CA ALA B 244 -17.28 -2.99 19.16
C ALA B 244 -18.05 -3.91 18.24
N ALA B 245 -19.24 -3.48 17.83
CA ALA B 245 -20.04 -4.24 16.88
C ALA B 245 -19.57 -3.96 15.45
N GLU B 246 -20.00 -4.79 14.51
CA GLU B 246 -19.87 -4.51 13.10
C GLU B 246 -21.26 -4.71 12.52
N HIS B 247 -21.44 -4.43 11.23
CA HIS B 247 -22.77 -4.56 10.66
C HIS B 247 -23.31 -5.99 10.79
N SER B 248 -22.46 -6.99 10.57
CA SER B 248 -22.93 -8.38 10.66
C SER B 248 -23.52 -8.76 12.02
N THR B 249 -22.95 -8.24 13.11
CA THR B 249 -23.49 -8.57 14.44
C THR B 249 -24.79 -7.83 14.80
N ILE B 250 -25.15 -6.83 14.01
CA ILE B 250 -26.46 -6.18 14.16
C ILE B 250 -27.47 -6.78 13.17
N THR B 251 -27.11 -6.81 11.89
CA THR B 251 -28.07 -7.25 10.87
C THR B 251 -28.44 -8.73 10.97
N ALA B 252 -27.54 -9.53 11.54
CA ALA B 252 -27.81 -10.96 11.74
C ALA B 252 -29.10 -11.22 12.55
N TRP B 253 -29.50 -10.23 13.35
CA TRP B 253 -30.68 -10.36 14.19
C TRP B 253 -31.97 -10.17 13.40
N GLY B 254 -31.84 -9.69 12.16
CA GLY B 254 -32.97 -9.44 11.32
C GLY B 254 -33.39 -8.00 11.42
N LYS B 255 -33.91 -7.45 10.32
CA LYS B 255 -34.24 -6.03 10.23
C LYS B 255 -35.20 -5.53 11.31
N ASP B 256 -36.09 -6.41 11.79
CA ASP B 256 -37.07 -6.03 12.80
C ASP B 256 -36.56 -6.17 14.22
N HIS B 257 -35.32 -6.60 14.38
CA HIS B 257 -34.77 -6.81 15.72
C HIS B 257 -33.49 -6.04 15.99
N GLU B 258 -33.35 -4.86 15.40
CA GLU B 258 -32.20 -4.02 15.69
C GLU B 258 -32.09 -3.70 17.19
N LYS B 259 -33.23 -3.41 17.82
CA LYS B 259 -33.26 -3.12 19.25
C LYS B 259 -32.74 -4.30 20.07
N ASP B 260 -33.13 -5.52 19.69
CA ASP B 260 -32.69 -6.72 20.41
C ASP B 260 -31.18 -6.91 20.32
N ALA B 261 -30.59 -6.54 19.18
CA ALA B 261 -29.15 -6.67 19.01
C ALA B 261 -28.44 -5.67 19.89
N PHE B 262 -28.88 -4.42 19.85
CA PHE B 262 -28.28 -3.37 20.69
C PHE B 262 -28.32 -3.80 22.16
N GLU B 263 -29.48 -4.28 22.60
CA GLU B 263 -29.65 -4.65 24.01
C GLU B 263 -28.72 -5.80 24.41
N HIS B 264 -28.62 -6.80 23.55
CA HIS B 264 -27.78 -7.95 23.80
C HIS B 264 -26.34 -7.51 23.91
N ILE B 265 -25.92 -6.70 22.94
CA ILE B 265 -24.54 -6.26 22.89
C ILE B 265 -24.12 -5.41 24.09
N VAL B 266 -24.92 -4.41 24.44
CA VAL B 266 -24.53 -3.55 25.56
C VAL B 266 -24.64 -4.31 26.89
N THR B 267 -25.50 -5.31 26.95
CA THR B 267 -25.59 -6.16 28.15
C THR B 267 -24.42 -7.16 28.24
N GLN B 268 -23.96 -7.69 27.11
CA GLN B 268 -22.77 -8.54 27.12
C GLN B 268 -21.53 -7.75 27.53
N PHE B 269 -21.47 -6.48 27.15
CA PHE B 269 -20.33 -5.64 27.46
C PHE B 269 -20.77 -4.51 28.38
N SER B 270 -21.28 -4.88 29.54
CA SER B 270 -21.93 -3.94 30.45
C SER B 270 -20.92 -3.11 31.26
N SER B 271 -19.71 -3.63 31.42
CA SER B 271 -18.76 -2.96 32.30
C SER B 271 -17.42 -2.64 31.64
N VAL B 272 -17.37 -2.73 30.31
CA VAL B 272 -16.24 -2.22 29.55
C VAL B 272 -16.82 -1.26 28.51
N PRO B 273 -16.00 -0.36 27.94
CA PRO B 273 -16.55 0.52 26.90
C PRO B 273 -17.00 -0.34 25.73
N VAL B 274 -18.04 0.08 25.00
CA VAL B 274 -18.47 -0.71 23.85
C VAL B 274 -18.99 0.23 22.78
N SER B 275 -18.52 0.06 21.55
CA SER B 275 -19.09 0.84 20.46
C SER B 275 -20.06 0.01 19.65
N VAL B 276 -21.17 0.63 19.26
CA VAL B 276 -22.21 -0.07 18.54
C VAL B 276 -22.57 0.72 17.28
N VAL B 277 -22.28 0.13 16.13
CA VAL B 277 -22.58 0.77 14.86
C VAL B 277 -24.11 0.86 14.72
N SER B 278 -24.59 2.06 14.44
CA SER B 278 -26.01 2.36 14.63
C SER B 278 -26.72 2.76 13.35
N ASP B 279 -26.06 2.57 12.20
CA ASP B 279 -26.61 3.06 10.94
C ASP B 279 -27.03 1.96 9.97
N SER B 280 -27.19 0.73 10.45
CA SER B 280 -27.57 -0.39 9.57
C SER B 280 -28.80 -0.09 8.73
N TYR B 281 -29.78 0.57 9.34
CA TYR B 281 -31.03 0.89 8.63
C TYR B 281 -31.38 2.38 8.69
N ASP B 282 -31.30 2.98 9.88
CA ASP B 282 -31.64 4.40 10.04
C ASP B 282 -30.95 4.95 11.28
N ILE B 283 -29.81 5.60 11.07
CA ILE B 283 -28.99 6.15 12.15
C ILE B 283 -29.81 7.07 13.10
N TYR B 284 -30.67 7.91 12.54
CA TYR B 284 -31.38 8.91 13.34
C TYR B 284 -32.46 8.27 14.19
N ASN B 285 -33.14 7.28 13.64
CA ASN B 285 -34.10 6.49 14.40
C ASN B 285 -33.41 5.71 15.50
N ALA B 286 -32.23 5.15 15.19
CA ALA B 286 -31.50 4.37 16.17
C ALA B 286 -31.12 5.25 17.36
N CYS B 287 -30.65 6.46 17.08
CA CYS B 287 -30.22 7.38 18.13
C CYS B 287 -31.40 7.94 18.92
N GLU B 288 -32.45 8.36 18.22
CA GLU B 288 -33.57 9.01 18.89
C GLU B 288 -34.52 8.04 19.58
N LYS B 289 -34.86 6.94 18.92
CA LYS B 289 -35.89 6.03 19.45
C LYS B 289 -35.32 4.80 20.15
N ILE B 290 -34.30 4.17 19.58
CA ILE B 290 -33.79 2.97 20.22
C ILE B 290 -32.90 3.33 21.40
N TRP B 291 -31.77 3.97 21.13
CA TRP B 291 -30.90 4.44 22.22
C TRP B 291 -31.57 5.50 23.10
N GLY B 292 -32.22 6.46 22.48
CA GLY B 292 -32.72 7.62 23.20
C GLY B 292 -33.98 7.36 24.01
N GLU B 293 -34.70 6.28 23.67
CA GLU B 293 -35.97 6.01 24.30
C GLU B 293 -36.06 4.58 24.84
N ASP B 294 -36.08 3.60 23.94
CA ASP B 294 -36.30 2.20 24.31
C ASP B 294 -35.23 1.61 25.20
N LEU B 295 -33.97 1.94 24.91
CA LEU B 295 -32.87 1.33 25.63
C LEU B 295 -32.15 2.33 26.52
N ARG B 296 -32.72 3.52 26.68
CA ARG B 296 -32.10 4.59 27.45
C ARG B 296 -31.70 4.15 28.86
N HIS B 297 -32.53 3.33 29.48
CA HIS B 297 -32.28 2.88 30.86
C HIS B 297 -31.00 2.04 30.98
N LEU B 298 -30.60 1.40 29.88
CA LEU B 298 -29.37 0.62 29.86
C LEU B 298 -28.13 1.47 29.59
N ILE B 299 -28.34 2.70 29.12
CA ILE B 299 -27.22 3.61 28.85
C ILE B 299 -26.90 4.49 30.07
N VAL B 300 -27.91 5.14 30.64
CA VAL B 300 -27.69 6.07 31.74
C VAL B 300 -27.18 5.37 33.01
N SER B 301 -27.25 4.05 33.02
CA SER B 301 -26.80 3.27 34.17
C SER B 301 -25.33 2.87 34.07
N ARG B 302 -24.67 3.20 32.96
CA ARG B 302 -23.30 2.74 32.73
C ARG B 302 -22.25 3.59 33.43
N SER B 303 -21.10 2.95 33.67
CA SER B 303 -19.97 3.58 34.33
C SER B 303 -19.23 4.53 33.41
N THR B 304 -18.60 5.54 33.99
CA THR B 304 -17.79 6.50 33.26
C THR B 304 -16.60 5.81 32.56
N GLN B 305 -16.16 4.69 33.14
CA GLN B 305 -15.08 3.91 32.58
C GLN B 305 -15.58 2.92 31.53
N ALA B 306 -16.90 2.84 31.34
CA ALA B 306 -17.47 1.90 30.38
C ALA B 306 -18.59 2.53 29.54
N PRO B 307 -18.28 3.61 28.84
CA PRO B 307 -19.35 4.30 28.11
C PRO B 307 -19.86 3.47 26.94
N LEU B 308 -21.07 3.77 26.49
CA LEU B 308 -21.51 3.36 25.17
C LEU B 308 -20.95 4.37 24.16
N ILE B 309 -20.36 3.87 23.08
CA ILE B 309 -19.94 4.77 22.03
C ILE B 309 -20.82 4.48 20.81
N ILE B 310 -21.63 5.47 20.43
CA ILE B 310 -22.51 5.34 19.28
C ILE B 310 -21.68 5.61 18.04
N ARG B 311 -21.85 4.79 17.01
CA ARG B 311 -21.01 4.92 15.82
C ARG B 311 -21.86 5.05 14.56
N PRO B 312 -22.00 6.27 14.04
CA PRO B 312 -22.57 6.40 12.71
C PRO B 312 -21.52 5.92 11.71
N ASP B 313 -21.92 5.55 10.50
CA ASP B 313 -20.96 4.97 9.56
C ASP B 313 -21.30 5.29 8.08
N SER B 314 -22.17 6.27 7.87
CA SER B 314 -22.60 6.61 6.52
C SER B 314 -23.14 8.03 6.46
N GLY B 315 -23.24 8.58 5.26
CA GLY B 315 -23.75 9.91 5.05
C GLY B 315 -22.63 10.94 5.12
N ASN B 316 -22.97 12.21 4.92
CA ASN B 316 -21.96 13.26 5.01
C ASN B 316 -21.41 13.27 6.42
N PRO B 317 -20.09 13.08 6.57
CA PRO B 317 -19.48 12.95 7.90
C PRO B 317 -19.80 14.10 8.86
N LEU B 318 -19.60 15.34 8.44
CA LEU B 318 -19.90 16.46 9.35
C LEU B 318 -21.39 16.59 9.67
N ASP B 319 -22.23 16.58 8.64
CA ASP B 319 -23.68 16.71 8.85
C ASP B 319 -24.20 15.61 9.76
N THR B 320 -23.70 14.39 9.56
CA THR B 320 -24.19 13.24 10.32
C THR B 320 -23.77 13.34 11.77
N VAL B 321 -22.51 13.66 12.02
CA VAL B 321 -22.03 13.88 13.38
C VAL B 321 -22.81 14.96 14.13
N LEU B 322 -23.07 16.08 13.47
CA LEU B 322 -23.84 17.16 14.10
C LEU B 322 -25.28 16.74 14.43
N LYS B 323 -25.92 16.01 13.53
CA LYS B 323 -27.31 15.60 13.74
C LYS B 323 -27.38 14.55 14.86
N VAL B 324 -26.44 13.61 14.84
CA VAL B 324 -26.35 12.61 15.91
C VAL B 324 -26.18 13.30 17.28
N LEU B 325 -25.26 14.26 17.38
CA LEU B 325 -25.07 15.01 18.61
C LEU B 325 -26.35 15.79 19.01
N GLU B 326 -26.99 16.46 18.05
CA GLU B 326 -28.24 17.17 18.36
C GLU B 326 -29.32 16.22 18.87
N ILE B 327 -29.43 15.05 18.25
CA ILE B 327 -30.38 14.04 18.73
C ILE B 327 -30.08 13.62 20.17
N LEU B 328 -28.83 13.26 20.44
CA LEU B 328 -28.46 12.75 21.75
C LEU B 328 -28.62 13.84 22.79
N GLY B 329 -28.32 15.07 22.37
CA GLY B 329 -28.38 16.21 23.25
C GLY B 329 -29.78 16.46 23.77
N LYS B 330 -30.76 16.04 23.00
CA LYS B 330 -32.14 16.21 23.41
C LYS B 330 -32.67 15.02 24.21
N LYS B 331 -31.99 13.88 24.13
CA LYS B 331 -32.45 12.68 24.82
C LYS B 331 -31.71 12.39 26.13
N PHE B 332 -30.51 12.95 26.26
CA PHE B 332 -29.63 12.71 27.39
C PHE B 332 -29.22 14.03 28.04
N PRO B 333 -28.86 13.99 29.32
CA PRO B 333 -28.58 15.25 30.03
C PRO B 333 -27.22 15.84 29.68
N VAL B 334 -27.23 16.85 28.83
CA VAL B 334 -26.02 17.53 28.39
C VAL B 334 -25.63 18.60 29.39
N THR B 335 -24.33 18.75 29.60
CA THR B 335 -23.81 19.82 30.44
C THR B 335 -23.04 20.81 29.60
N GLU B 336 -22.54 21.85 30.25
CA GLU B 336 -21.70 22.82 29.59
C GLU B 336 -20.40 22.89 30.37
N ASN B 337 -19.28 22.62 29.70
CA ASN B 337 -18.00 22.57 30.40
C ASN B 337 -17.49 23.98 30.68
N SER B 338 -16.30 24.08 31.26
CA SER B 338 -15.80 25.36 31.74
C SER B 338 -15.47 26.31 30.60
N LYS B 339 -15.29 25.76 29.41
CA LYS B 339 -14.97 26.58 28.25
C LYS B 339 -16.24 27.05 27.55
N GLY B 340 -17.38 26.55 28.02
CA GLY B 340 -18.65 26.92 27.43
C GLY B 340 -19.13 25.99 26.32
N TYR B 341 -18.51 24.83 26.19
CA TYR B 341 -18.92 23.87 25.16
C TYR B 341 -19.80 22.76 25.71
N LYS B 342 -20.72 22.29 24.87
CA LYS B 342 -21.66 21.25 25.25
C LYS B 342 -20.95 19.90 25.41
N LEU B 343 -21.33 19.17 26.46
CA LEU B 343 -20.73 17.89 26.78
C LEU B 343 -21.77 16.83 27.14
N LEU B 344 -21.72 15.70 26.45
CA LEU B 344 -22.62 14.59 26.75
C LEU B 344 -22.25 14.04 28.11
N PRO B 345 -23.17 13.31 28.76
CA PRO B 345 -22.84 12.66 30.03
C PRO B 345 -21.72 11.63 29.82
N PRO B 346 -20.95 11.32 30.86
CA PRO B 346 -19.72 10.53 30.70
C PRO B 346 -19.94 9.09 30.26
N TYR B 347 -21.17 8.59 30.31
CA TYR B 347 -21.45 7.22 29.90
C TYR B 347 -21.81 7.13 28.41
N LEU B 348 -21.65 8.23 27.68
CA LEU B 348 -22.10 8.30 26.29
C LEU B 348 -21.14 9.11 25.43
N ARG B 349 -20.63 8.47 24.38
CA ARG B 349 -19.72 9.13 23.45
C ARG B 349 -20.08 8.78 22.00
N VAL B 350 -19.40 9.43 21.06
CA VAL B 350 -19.64 9.16 19.64
C VAL B 350 -18.30 8.87 18.97
N ILE B 351 -18.30 7.98 17.98
CA ILE B 351 -17.12 7.83 17.14
C ILE B 351 -17.51 7.86 15.66
N GLN B 352 -16.82 8.70 14.90
CA GLN B 352 -17.02 8.78 13.44
C GLN B 352 -15.89 8.01 12.79
N GLY B 353 -16.21 6.92 12.11
CA GLY B 353 -15.20 6.08 11.51
C GLY B 353 -15.38 5.83 10.03
N ASP B 354 -16.08 6.73 9.35
CA ASP B 354 -16.30 6.63 7.91
C ASP B 354 -15.87 7.92 7.21
N GLY B 355 -15.12 7.77 6.13
CA GLY B 355 -14.68 8.92 5.35
C GLY B 355 -13.70 9.84 6.05
N VAL B 356 -13.05 9.36 7.11
CA VAL B 356 -12.13 10.23 7.84
C VAL B 356 -10.71 10.22 7.27
N ASP B 357 -10.27 11.37 6.82
CA ASP B 357 -8.86 11.58 6.50
C ASP B 357 -8.47 12.94 7.05
N ILE B 358 -7.25 13.38 6.80
CA ILE B 358 -6.77 14.61 7.43
C ILE B 358 -7.64 15.82 7.08
N ASN B 359 -8.19 15.83 5.88
CA ASN B 359 -9.05 16.93 5.46
C ASN B 359 -10.42 16.93 6.13
N THR B 360 -11.10 15.79 6.10
CA THR B 360 -12.43 15.72 6.69
C THR B 360 -12.36 15.78 8.23
N LEU B 361 -11.24 15.31 8.80
CA LEU B 361 -11.05 15.43 10.25
C LEU B 361 -11.09 16.90 10.66
N GLN B 362 -10.35 17.73 9.93
CA GLN B 362 -10.37 19.18 10.11
C GLN B 362 -11.77 19.76 9.99
N GLU B 363 -12.50 19.37 8.95
CA GLU B 363 -13.87 19.86 8.73
C GLU B 363 -14.81 19.52 9.89
N ILE B 364 -14.70 18.31 10.42
CA ILE B 364 -15.61 17.86 11.46
C ILE B 364 -15.36 18.60 12.77
N VAL B 365 -14.11 18.70 13.19
CA VAL B 365 -13.85 19.33 14.49
C VAL B 365 -14.16 20.83 14.45
N GLU B 366 -13.87 21.46 13.30
CA GLU B 366 -14.20 22.86 13.12
C GLU B 366 -15.71 23.07 13.16
N GLY B 367 -16.44 22.17 12.51
CA GLY B 367 -17.89 22.23 12.47
C GLY B 367 -18.50 22.00 13.84
N MET B 368 -17.92 21.06 14.59
CA MET B 368 -18.36 20.84 15.97
C MET B 368 -18.14 22.08 16.82
N LYS B 369 -16.96 22.68 16.68
CA LYS B 369 -16.64 23.90 17.41
C LYS B 369 -17.62 25.01 17.11
N GLN B 370 -17.97 25.17 15.83
CA GLN B 370 -18.90 26.23 15.43
C GLN B 370 -20.28 26.02 16.03
N LYS B 371 -20.66 24.78 16.26
CA LYS B 371 -21.94 24.48 16.89
C LYS B 371 -21.85 24.34 18.41
N MET B 372 -20.70 24.69 18.97
CA MET B 372 -20.48 24.68 20.43
C MET B 372 -20.46 23.28 21.07
N TRP B 373 -20.06 22.27 20.30
CA TRP B 373 -19.88 20.92 20.85
C TRP B 373 -18.41 20.68 21.19
N SER B 374 -18.15 20.19 22.40
CA SER B 374 -16.78 19.87 22.78
C SER B 374 -16.19 18.69 21.98
N ILE B 375 -14.90 18.76 21.67
CA ILE B 375 -14.20 17.63 21.06
C ILE B 375 -14.09 16.42 22.02
N GLU B 376 -14.32 16.66 23.31
CA GLU B 376 -14.40 15.55 24.27
C GLU B 376 -15.45 14.50 23.88
N ASN B 377 -16.48 14.94 23.15
CA ASN B 377 -17.61 14.07 22.85
C ASN B 377 -17.30 13.00 21.83
N ILE B 378 -16.25 13.24 21.06
CA ILE B 378 -16.07 12.50 19.81
C ILE B 378 -14.70 11.86 19.73
N ALA B 379 -14.63 10.77 18.97
CA ALA B 379 -13.37 10.16 18.61
C ALA B 379 -13.47 9.82 17.12
N PHE B 380 -12.34 9.50 16.51
CA PHE B 380 -12.35 9.21 15.09
C PHE B 380 -11.68 7.88 14.82
N GLY B 381 -12.19 7.16 13.83
CA GLY B 381 -11.53 5.98 13.33
C GLY B 381 -11.17 6.31 11.90
N SER B 382 -10.01 5.84 11.44
CA SER B 382 -9.63 6.06 10.05
C SER B 382 -8.94 4.83 9.51
N GLY B 383 -9.36 4.37 8.33
CA GLY B 383 -8.81 3.16 7.77
C GLY B 383 -7.96 3.44 6.55
N GLY B 384 -8.60 3.46 5.38
CA GLY B 384 -7.92 3.75 4.14
C GLY B 384 -7.19 5.09 4.19
N GLY B 385 -7.83 6.09 4.77
CA GLY B 385 -7.23 7.42 4.87
C GLY B 385 -5.95 7.43 5.71
N LEU B 386 -5.92 6.59 6.73
CA LEU B 386 -4.79 6.56 7.66
C LEU B 386 -3.60 5.76 7.12
N LEU B 387 -3.87 4.59 6.53
CA LEU B 387 -2.81 3.64 6.18
C LEU B 387 -2.60 3.33 4.70
N GLN B 388 -3.54 3.71 3.84
CA GLN B 388 -3.43 3.34 2.44
C GLN B 388 -3.38 4.52 1.45
N LYS B 389 -4.16 5.55 1.72
CA LYS B 389 -4.27 6.66 0.77
C LYS B 389 -3.09 7.61 0.92
N LEU B 390 -1.90 7.08 0.63
CA LEU B 390 -0.66 7.82 0.80
C LEU B 390 0.31 7.32 -0.24
N THR B 391 1.13 8.21 -0.79
CA THR B 391 2.12 7.80 -1.77
C THR B 391 3.47 8.43 -1.45
N ARG B 392 4.50 7.96 -2.14
CA ARG B 392 5.85 8.40 -1.89
C ARG B 392 6.02 9.89 -2.29
N ASP B 393 5.18 10.38 -3.20
CA ASP B 393 5.35 11.77 -3.61
C ASP B 393 4.68 12.80 -2.69
N LEU B 394 3.96 12.33 -1.68
CA LEU B 394 3.35 13.24 -0.72
C LEU B 394 4.42 14.06 0.01
N LEU B 395 5.45 13.37 0.50
CA LEU B 395 6.61 14.03 1.11
C LEU B 395 7.85 14.06 0.19
N ASN B 396 7.67 13.61 -1.05
CA ASN B 396 8.80 13.46 -1.97
C ASN B 396 10.01 12.74 -1.36
N CYS B 397 9.77 11.58 -0.76
CA CYS B 397 10.84 10.77 -0.19
C CYS B 397 11.68 10.23 -1.34
N SER B 398 12.98 10.47 -1.30
CA SER B 398 13.84 10.24 -2.45
C SER B 398 15.30 9.89 -2.06
N PHE B 399 15.92 9.04 -2.86
CA PHE B 399 17.27 8.54 -2.60
C PHE B 399 18.14 8.89 -3.80
N LYS B 400 19.27 9.55 -3.58
CA LYS B 400 20.09 10.05 -4.67
C LYS B 400 21.58 9.96 -4.36
N CYS B 401 22.38 9.72 -5.40
CA CYS B 401 23.83 9.71 -5.24
C CYS B 401 24.32 11.14 -5.22
N SER B 402 25.16 11.48 -4.24
CA SER B 402 25.71 12.84 -4.11
C SER B 402 27.24 12.91 -4.18
N TYR B 403 27.91 11.77 -4.06
CA TYR B 403 29.36 11.77 -3.98
C TYR B 403 29.93 10.46 -4.48
N VAL B 404 30.94 10.52 -5.35
CA VAL B 404 31.61 9.31 -5.80
C VAL B 404 33.12 9.52 -5.76
N VAL B 405 33.87 8.43 -5.67
CA VAL B 405 35.31 8.51 -5.81
C VAL B 405 35.68 7.65 -7.01
N THR B 406 36.34 8.26 -7.98
CA THR B 406 36.77 7.56 -9.17
C THR B 406 38.24 7.93 -9.41
N ASN B 407 39.07 6.94 -9.70
CA ASN B 407 40.52 7.15 -9.86
C ASN B 407 41.11 7.86 -8.66
N GLY B 408 40.59 7.56 -7.48
CA GLY B 408 41.09 8.13 -6.24
C GLY B 408 40.68 9.58 -6.01
N LEU B 409 39.88 10.14 -6.91
CA LEU B 409 39.43 11.51 -6.75
C LEU B 409 37.94 11.61 -6.43
N GLY B 410 37.62 12.35 -5.37
CA GLY B 410 36.23 12.57 -4.98
C GLY B 410 35.57 13.60 -5.86
N ILE B 411 34.33 13.31 -6.27
CA ILE B 411 33.53 14.19 -7.12
C ILE B 411 32.15 14.43 -6.50
N ASN B 412 31.74 15.69 -6.38
CA ASN B 412 30.40 16.02 -5.91
C ASN B 412 29.41 15.92 -7.05
N VAL B 413 28.45 15.01 -6.94
CA VAL B 413 27.50 14.75 -8.03
C VAL B 413 26.05 15.04 -7.64
N PHE B 414 25.20 15.23 -8.65
CA PHE B 414 23.83 15.67 -8.40
C PHE B 414 23.05 15.65 -9.71
N LYS B 415 21.72 15.70 -9.62
CA LYS B 415 20.88 15.95 -10.78
C LYS B 415 20.26 17.33 -10.63
N ASP B 416 19.89 17.94 -11.75
CA ASP B 416 19.34 19.28 -11.76
C ASP B 416 18.57 19.48 -13.07
N PRO B 417 17.44 18.78 -13.22
CA PRO B 417 16.68 18.83 -14.48
C PRO B 417 16.19 20.23 -14.82
N VAL B 418 16.38 20.64 -16.07
CA VAL B 418 16.11 22.00 -16.50
C VAL B 418 14.63 22.41 -16.32
N ALA B 419 13.71 21.46 -16.51
CA ALA B 419 12.30 21.76 -16.45
C ALA B 419 11.69 21.57 -15.05
N ASP B 420 12.50 21.14 -14.08
CA ASP B 420 11.97 20.98 -12.72
C ASP B 420 13.00 21.21 -11.62
N PRO B 421 13.18 22.46 -11.21
CA PRO B 421 14.10 22.82 -10.12
C PRO B 421 13.77 22.10 -8.83
N ASN B 422 12.52 21.67 -8.66
CA ASN B 422 12.13 20.90 -7.48
C ASN B 422 12.80 19.54 -7.41
N LYS B 423 13.30 19.04 -8.53
CA LYS B 423 13.95 17.74 -8.55
C LYS B 423 15.47 17.79 -8.36
N ARG B 424 16.01 18.99 -8.14
CA ARG B 424 17.44 19.13 -7.94
C ARG B 424 17.89 18.39 -6.68
N SER B 425 19.01 17.66 -6.76
CA SER B 425 19.49 16.90 -5.62
C SER B 425 20.73 17.55 -5.00
N LYS B 426 21.07 17.14 -3.77
CA LYS B 426 22.18 17.73 -3.03
C LYS B 426 23.54 17.23 -3.52
N LYS B 427 24.58 18.04 -3.31
CA LYS B 427 25.90 17.74 -3.84
C LYS B 427 26.90 17.38 -2.76
N GLY B 428 27.62 16.29 -2.96
CA GLY B 428 28.75 15.98 -2.12
C GLY B 428 28.39 15.27 -0.83
N ARG B 429 29.35 15.22 0.07
CA ARG B 429 29.18 14.56 1.35
C ARG B 429 28.32 15.43 2.26
N LEU B 430 27.33 14.82 2.89
CA LEU B 430 26.33 15.57 3.63
C LEU B 430 26.43 15.38 5.13
N SER B 431 25.98 16.40 5.86
CA SER B 431 25.87 16.30 7.31
C SER B 431 24.72 17.16 7.81
N LEU B 432 24.22 16.80 8.99
CA LEU B 432 23.08 17.49 9.58
C LEU B 432 23.54 18.20 10.84
N HIS B 433 23.14 19.47 11.00
CA HIS B 433 23.62 20.28 12.11
C HIS B 433 22.52 21.13 12.74
N ARG B 434 22.77 21.58 13.97
CA ARG B 434 21.95 22.59 14.63
C ARG B 434 22.47 23.96 14.22
N THR B 435 21.56 24.87 13.89
CA THR B 435 21.92 26.25 13.58
C THR B 435 22.05 27.01 14.90
N PRO B 436 22.62 28.22 14.89
CA PRO B 436 22.68 29.03 16.11
C PRO B 436 21.32 29.26 16.74
N ALA B 437 20.26 29.26 15.95
CA ALA B 437 18.92 29.51 16.46
C ALA B 437 18.25 28.22 16.90
N GLY B 438 18.95 27.11 16.81
CA GLY B 438 18.43 25.83 17.28
C GLY B 438 17.64 25.04 16.26
N ASN B 439 17.77 25.39 14.99
CA ASN B 439 17.09 24.65 13.93
C ASN B 439 18.02 23.66 13.26
N PHE B 440 17.49 22.91 12.29
CA PHE B 440 18.27 21.98 11.51
C PHE B 440 18.78 22.61 10.22
N VAL B 441 20.01 22.25 9.83
CA VAL B 441 20.51 22.61 8.51
C VAL B 441 21.31 21.44 7.96
N THR B 442 21.22 21.23 6.65
CA THR B 442 22.00 20.19 5.98
C THR B 442 23.15 20.82 5.22
N LEU B 443 24.37 20.48 5.61
CA LEU B 443 25.55 21.02 4.94
C LEU B 443 25.96 20.09 3.81
N GLU B 444 26.27 20.68 2.67
CA GLU B 444 26.68 19.92 1.51
C GLU B 444 28.17 20.08 1.26
N GLU B 445 28.68 19.35 0.27
CA GLU B 445 30.03 19.48 -0.22
C GLU B 445 31.08 19.28 0.85
N GLY B 446 30.80 18.40 1.81
CA GLY B 446 31.73 18.12 2.89
C GLY B 446 31.94 19.27 3.88
N LYS B 447 31.17 20.34 3.75
CA LYS B 447 31.36 21.54 4.57
C LYS B 447 31.22 21.31 6.08
N GLY B 448 30.50 20.26 6.47
CA GLY B 448 30.43 19.90 7.87
C GLY B 448 31.80 19.67 8.48
N ASP B 449 32.76 19.31 7.63
CA ASP B 449 34.15 19.11 8.05
C ASP B 449 34.82 20.40 8.50
N LEU B 450 34.32 21.53 8.01
CA LEU B 450 34.83 22.85 8.40
C LEU B 450 34.57 23.14 9.87
N GLU B 451 33.69 22.35 10.49
CA GLU B 451 33.42 22.41 11.92
C GLU B 451 32.92 23.80 12.39
N GLU B 452 32.23 24.51 11.50
CA GLU B 452 31.66 25.81 11.85
C GLU B 452 30.26 25.66 12.43
N TYR B 453 29.72 24.45 12.32
CA TYR B 453 28.35 24.17 12.73
C TYR B 453 28.27 23.04 13.73
N GLY B 454 29.37 22.79 14.44
CA GLY B 454 29.39 21.76 15.45
C GLY B 454 29.29 20.35 14.88
N GLN B 455 28.83 19.43 15.72
CA GLN B 455 28.84 18.01 15.36
C GLN B 455 27.71 17.60 14.40
N ASP B 456 28.02 16.64 13.53
CA ASP B 456 27.02 16.00 12.67
C ASP B 456 25.99 15.28 13.54
N LEU B 457 24.71 15.55 13.27
CA LEU B 457 23.63 14.96 14.06
C LEU B 457 23.22 13.55 13.62
N LEU B 458 23.68 13.11 12.45
CA LEU B 458 23.44 11.74 12.04
C LEU B 458 24.28 10.79 12.88
N HIS B 459 23.77 9.59 13.11
CA HIS B 459 24.51 8.56 13.83
C HIS B 459 24.71 7.35 12.91
N THR B 460 25.84 6.65 13.04
CA THR B 460 26.03 5.39 12.32
C THR B 460 25.07 4.35 12.88
N VAL B 461 24.15 3.85 12.06
CA VAL B 461 23.16 2.87 12.51
C VAL B 461 23.39 1.47 11.95
N PHE B 462 24.18 1.38 10.89
CA PHE B 462 24.47 0.09 10.25
C PHE B 462 25.88 0.15 9.74
N LYS B 463 26.64 -0.92 9.96
CA LYS B 463 27.99 -0.97 9.42
C LYS B 463 28.42 -2.42 9.26
N ASN B 464 28.77 -2.78 8.03
CA ASN B 464 29.33 -4.09 7.74
C ASN B 464 28.52 -5.25 8.31
N GLY B 465 27.21 -5.22 8.05
CA GLY B 465 26.34 -6.31 8.44
C GLY B 465 25.75 -6.20 9.83
N LYS B 466 26.15 -5.18 10.58
CA LYS B 466 25.68 -5.06 11.95
C LYS B 466 24.87 -3.80 12.19
N VAL B 467 23.80 -3.93 12.96
CA VAL B 467 23.05 -2.77 13.41
C VAL B 467 23.83 -2.18 14.60
N THR B 468 24.18 -0.91 14.50
CA THR B 468 25.14 -0.34 15.44
C THR B 468 24.50 0.66 16.36
N LYS B 469 23.28 1.07 16.03
CA LYS B 469 22.53 1.96 16.91
C LYS B 469 21.04 1.77 16.70
N SER B 470 20.28 1.76 17.79
CA SER B 470 18.87 1.46 17.73
C SER B 470 18.08 2.20 18.81
N TYR B 471 16.76 2.24 18.65
CA TYR B 471 15.91 3.03 19.53
C TYR B 471 14.73 2.19 19.96
N SER B 472 14.32 2.32 21.22
CA SER B 472 13.12 1.66 21.68
C SER B 472 11.92 2.43 21.14
N PHE B 473 10.78 1.77 21.11
CA PHE B 473 9.57 2.45 20.69
C PHE B 473 9.19 3.56 21.68
N ASP B 474 9.60 3.42 22.94
CA ASP B 474 9.29 4.45 23.93
C ASP B 474 10.07 5.73 23.60
N GLU B 475 11.32 5.58 23.18
CA GLU B 475 12.14 6.74 22.84
C GLU B 475 11.64 7.41 21.57
N ILE B 476 11.25 6.61 20.60
CA ILE B 476 10.66 7.12 19.37
C ILE B 476 9.40 7.98 19.65
N ARG B 477 8.52 7.46 20.49
CA ARG B 477 7.34 8.21 20.91
C ARG B 477 7.71 9.54 21.55
N LYS B 478 8.69 9.53 22.43
CA LYS B 478 9.16 10.77 23.06
C LYS B 478 9.68 11.76 22.02
N ASN B 479 10.49 11.28 21.08
CA ASN B 479 11.03 12.15 20.04
C ASN B 479 9.94 12.78 19.19
N ALA B 480 8.83 12.07 19.02
CA ALA B 480 7.78 12.49 18.09
C ALA B 480 6.68 13.35 18.72
N GLN B 481 6.82 13.65 20.02
CA GLN B 481 5.83 14.46 20.73
C GLN B 481 5.53 15.81 20.09
N LEU B 482 4.30 16.28 20.28
CA LEU B 482 3.91 17.59 19.79
C LEU B 482 4.53 18.67 20.68
N ASN B 483 4.75 19.85 20.13
CA ASN B 483 5.22 20.97 20.94
C ASN B 483 4.24 21.28 22.07
N ILE B 484 2.95 21.29 21.75
CA ILE B 484 1.91 21.57 22.75
C ILE B 484 1.88 20.55 23.89
N GLU B 485 2.24 19.30 23.60
CA GLU B 485 2.38 18.26 24.62
C GLU B 485 3.57 18.56 25.53
N LEU B 486 4.67 19.02 24.94
CA LEU B 486 5.90 19.27 25.68
C LEU B 486 5.78 20.39 26.70
C4 1LS C . 13.05 3.36 -13.71
C6 1LS C . 12.28 2.11 -11.91
C7 1LS C . 14.15 2.35 -15.76
C13 1LS C . 13.08 0.48 -20.87
C15 1LS C . 11.12 -0.26 -22.08
C17 1LS C . 11.30 -0.63 -19.72
C22 1LS C . 11.98 -1.59 -25.26
C24 1LS C . 12.04 -4.05 -25.51
C26 1LS C . 10.49 -3.10 -23.77
C1 1LS C . 12.67 0.94 -12.52
C2 1LS C . 13.28 0.99 -13.78
C3 1LS C . 13.48 2.23 -14.38
N5 1LS C . 12.48 3.28 -12.52
N8 1LS C . 13.90 1.14 -16.53
C9 1LS C . 13.40 1.22 -17.79
S10 1LS C . 13.10 2.74 -18.52
N11 1LS C . 13.15 0.07 -18.44
C12 1LS C . 12.54 -0.01 -19.70
C14 1LS C . 12.36 0.35 -22.06
C16 1LS C . 10.60 -0.76 -20.90
S18 1LS C . 10.21 -0.44 -23.58
O19 1LS C . 8.89 -0.81 -23.22
O20 1LS C . 10.49 0.71 -24.35
N21 1LS C . 10.91 -1.77 -24.26
C23 1LS C . 12.02 -2.73 -26.27
C25 1LS C . 10.69 -4.23 -24.81
P PO4 D . -17.37 -0.66 3.39
O1 PO4 D . -16.99 -1.39 2.13
O2 PO4 D . -17.87 0.71 3.00
O3 PO4 D . -18.47 -1.41 4.11
O4 PO4 D . -16.18 -0.54 4.30
P PO4 E . 15.95 7.08 -11.38
O1 PO4 E . 16.05 6.06 -12.48
O2 PO4 E . 14.93 8.12 -11.78
O3 PO4 E . 15.49 6.38 -10.12
O4 PO4 E . 17.28 7.74 -11.06
C1 EDO F . -14.63 -14.65 -19.51
O1 EDO F . -15.89 -14.11 -19.04
C2 EDO F . -13.55 -14.34 -18.49
O2 EDO F . -13.49 -12.93 -18.27
C4 1LS G . -14.40 -0.60 12.55
C6 1LS G . -12.43 -1.55 11.76
C7 1LS G . -15.06 -0.64 15.00
C13 1LS G . -14.60 2.39 19.60
C15 1LS G . -13.22 4.15 20.49
C17 1LS G . -12.29 2.53 19.00
C22 1LS G . -13.69 4.70 23.99
C24 1LS G . -11.88 4.09 25.60
C26 1LS G . -11.23 4.51 23.24
C1 1LS G . -12.07 -1.95 13.04
C2 1LS G . -12.92 -1.65 14.10
C3 1LS G . -14.11 -0.97 13.84
N5 1LS G . -13.57 -0.90 11.57
N8 1LS G . -14.24 -0.44 16.19
C9 1LS G . -14.37 0.66 16.98
S10 1LS G . -15.57 1.83 16.58
N11 1LS G . -13.54 0.77 18.05
C12 1LS G . -13.51 1.88 18.89
C14 1LS G . -14.44 3.51 20.39
C16 1LS G . -12.14 3.65 19.79
S18 1LS G . -13.01 5.59 21.50
O19 1LS G . -11.83 6.23 21.08
O20 1LS G . -14.28 6.22 21.59
N21 1LS G . -12.63 4.93 22.98
C23 1LS G . -13.20 4.86 25.43
C25 1LS G . -10.83 4.72 24.71
P PO4 H . 12.42 10.19 -7.43
O1 PO4 H . 13.54 10.96 -8.08
O2 PO4 H . 11.10 10.78 -7.85
O3 PO4 H . 12.55 8.72 -7.77
O4 PO4 H . 12.52 10.35 -5.94
P PO4 I . -12.38 4.19 6.32
O1 PO4 I . -11.65 3.19 5.45
O2 PO4 I . -11.41 5.25 6.80
O3 PO4 I . -13.50 4.87 5.54
O4 PO4 I . -12.97 3.48 7.52
C1 EDO J . -18.46 -3.24 8.96
O1 EDO J . -19.73 -3.84 8.67
C2 EDO J . -18.66 -2.20 10.05
O2 EDO J . -17.71 -2.49 11.06
#